data_4B03
#
_entry.id   4B03
#
_cell.length_a   1.000
_cell.length_b   1.000
_cell.length_c   1.000
_cell.angle_alpha   90.00
_cell.angle_beta   90.00
_cell.angle_gamma   90.00
#
_symmetry.space_group_name_H-M   'P 1'
#
loop_
_entity.id
_entity.type
_entity.pdbx_description
1 polymer 'DENGUE VIRUS 1 E PROTEIN'
2 polymer 'DENGUE VIRUS 1 PRM PROTEIN'
#
loop_
_entity_poly.entity_id
_entity_poly.type
_entity_poly.pdbx_seq_one_letter_code
_entity_poly.pdbx_strand_id
1 'polypeptide(L)'
;MRCVGISNRDFVEGLSATGWVDVVLEHGSCVTTMAKDKPTLDIELLKTEVTNPAILRKLCIEAKISNTTTDSRCPTQGEA
TLVEEQDTNFVCRRTFVDRGWGNGCGLFGKGSLITCAKFKCVTKLEGKIVQYENLKYSVIVTVHTGDQHQVGNETTEHGT
TATITPQAPTSEIQLTDYGALTLDCSPRTGLDFNEMVLLTMKEKSWLVHKQWFLDLPLPWTSGASTSQETWNRQDLLVTF
KTAHAKKQEVVVLGSQEGAMHTALTGATEIQTSGTTTIFAGHLKCRLKMDKLTLKGVSYVMCTGSFKLEKEVAETQHGTV
LVQVKYEGTDAPCKIPFSSQDEKGVIQNGRLITANPIVTDKEKPVNIEAEPPFGESYIVVGAGEKALKLSWFKKGSSIGK
MFEATARGARRMAILGDTAWDFGSIGGVFTSVGKLVHQIFGTAYGVLFSGVSWTMKIGIGILLTWLGLNSRSTSLSMTCI
AVGMVTLYLGVMVQA
;
A,B,C
2 'polypeptide(L)'
;FHLTTRGGEPHMIVSKQERGKSLLFKTSAGVNMCTLIAMDLGELCEDTMTYKCPRITETEPDDVDCWCNATETWVTYGTC
SQTGEHRRDKRSVALAPHVGLGLETRTETWMSSEGAWKQIQKVETWALGHPGFTVIALFLAHAIGTSITQKGIIFILLML
VTPSMA
;
D,E,F
#
# COMPACT_ATOMS: atom_id res chain seq x y z
CA MET A 1 -59.08 23.90 14.37
CA ARG A 2 -55.93 22.31 12.98
CA CYS A 3 -53.23 23.34 15.47
CA VAL A 4 -55.69 25.58 17.34
CA GLY A 5 -57.88 22.70 18.58
CA ILE A 6 -54.83 21.14 20.16
CA SER A 7 -51.98 22.71 22.14
CA ASN A 8 -49.87 23.73 19.14
CA ARG A 9 -50.21 27.50 19.48
CA ASP A 10 -47.48 29.91 20.53
CA PHE A 11 -48.56 33.42 21.41
CA VAL A 12 -46.02 35.96 20.30
CA GLU A 13 -45.67 39.64 21.11
CA GLY A 14 -42.27 41.16 22.09
CA LEU A 15 -40.56 44.38 20.99
CA SER A 16 -40.74 44.46 17.22
CA ALA A 17 -41.90 47.03 14.66
CA THR A 18 -45.30 47.61 13.09
CA GLY A 19 -43.94 46.64 9.68
CA TRP A 20 -40.82 44.52 9.50
CA VAL A 21 -40.76 41.89 12.18
CA ASP A 22 -38.44 38.88 12.00
CA VAL A 23 -39.97 35.55 13.07
CA VAL A 24 -38.84 31.94 13.47
CA LEU A 25 -40.91 29.19 11.92
CA GLU A 26 -41.14 25.56 12.85
CA HIS A 27 -43.07 22.83 11.02
CA GLY A 28 -45.99 20.96 12.54
CA SER A 29 -47.05 23.42 15.24
CA CYS A 30 -48.28 26.95 14.75
CA VAL A 31 -47.35 30.37 15.99
CA THR A 32 -50.17 32.76 16.69
CA THR A 33 -49.02 36.29 16.29
CA MET A 34 -51.04 39.01 17.98
CA ALA A 35 -50.51 42.74 18.01
CA LYS A 36 -52.47 45.75 19.16
CA ASP A 37 -55.26 46.39 16.65
CA LYS A 38 -54.27 43.51 14.39
CA PRO A 39 -56.21 40.25 13.68
CA THR A 40 -54.74 37.01 15.10
CA LEU A 41 -52.99 34.86 12.46
CA ASP A 42 -51.62 31.34 12.75
CA ILE A 43 -48.48 30.45 10.81
CA GLU A 44 -47.32 26.91 10.03
CA LEU A 45 -44.64 25.61 7.66
CA LEU A 46 -46.67 22.76 6.21
CA LYS A 47 -44.74 21.44 3.25
CA THR A 48 -41.29 21.32 1.77
CA GLU A 49 -41.78 20.05 -1.77
CA VAL A 50 -39.42 19.85 -4.72
CA THR A 51 -39.42 22.11 -7.77
CA ASN A 52 -36.34 21.30 -9.91
CA PRO A 53 -34.53 18.05 -8.96
CA ALA A 54 -31.58 16.45 -10.75
CA ILE A 55 -31.20 12.81 -11.84
CA LEU A 56 -28.01 11.32 -10.43
CA ARG A 57 -28.17 7.94 -12.24
CA LYS A 58 -30.56 5.80 -14.21
CA LEU A 59 -30.21 2.12 -13.32
CA CYS A 60 -31.38 -0.86 -15.44
CA ILE A 61 -33.48 -3.15 -13.25
CA GLU A 62 -34.68 -5.38 -16.08
CA ALA A 63 -32.89 -6.03 -19.35
CA LYS A 64 -33.12 -8.46 -22.24
CA ILE A 65 -30.39 -9.97 -24.39
CA SER A 66 -30.38 -10.32 -28.16
CA ASN A 67 -27.96 -10.56 -31.10
CA THR A 68 -25.59 -13.02 -29.46
CA THR A 69 -22.67 -13.86 -31.73
CA THR A 70 -19.83 -16.10 -30.59
CA ASP A 71 -16.44 -16.38 -32.15
CA SER A 72 -14.30 -19.27 -31.16
CA ARG A 73 -11.02 -20.85 -32.19
CA CYS A 74 -9.18 -24.09 -31.46
CA PRO A 75 -5.95 -24.30 -29.40
CA THR A 76 -3.36 -22.03 -31.02
CA GLN A 77 -5.41 -21.86 -34.21
CA GLY A 78 -6.16 -18.24 -33.70
CA GLU A 79 -7.22 -15.61 -31.21
CA ALA A 80 -10.95 -14.87 -31.27
CA THR A 81 -11.70 -11.25 -32.00
CA LEU A 82 -15.04 -9.48 -32.40
CA VAL A 83 -15.69 -6.08 -33.96
CA GLU A 84 -18.80 -6.01 -31.72
CA GLU A 85 -16.50 -5.19 -28.75
CA GLN A 86 -16.24 -1.68 -30.20
CA ASP A 87 -20.03 -1.26 -30.18
CA THR A 88 -21.30 0.29 -26.96
CA ASN A 89 -24.74 -1.33 -27.08
CA PHE A 90 -23.16 -4.78 -27.07
CA VAL A 91 -21.71 -6.32 -23.92
CA CYS A 92 -18.90 -8.81 -24.50
CA ARG A 93 -16.76 -11.29 -22.54
CA ARG A 94 -13.49 -12.96 -23.56
CA THR A 95 -12.52 -16.40 -22.28
CA PHE A 96 -10.35 -19.38 -23.15
CA VAL A 97 -11.76 -22.90 -22.73
CA ASP A 98 -10.12 -26.36 -22.89
CA ARG A 99 -10.13 -28.63 -25.92
CA GLY A 100 -8.39 -31.96 -26.35
CA TRP A 101 -7.55 -34.36 -29.19
CA GLY A 102 -10.59 -36.02 -30.78
CA ASN A 103 -13.09 -34.14 -28.61
CA GLY A 104 -14.03 -30.97 -30.44
CA CYS A 105 -10.77 -29.96 -32.10
CA GLY A 106 -7.79 -32.21 -32.73
CA LEU A 107 -5.38 -29.86 -30.95
CA PHE A 108 -4.69 -30.29 -27.24
CA GLY A 109 -4.83 -27.00 -25.35
CA LYS A 110 -7.08 -24.08 -24.55
CA GLY A 111 -8.59 -22.20 -27.48
CA SER A 112 -9.75 -18.60 -27.59
CA LEU A 113 -13.27 -17.16 -27.42
CA ILE A 114 -14.84 -13.72 -27.55
CA THR A 115 -18.63 -13.50 -27.40
CA CYS A 116 -20.75 -10.36 -27.77
CA ALA A 117 -24.49 -9.76 -27.42
CA LYS A 118 -26.59 -6.63 -27.77
CA PHE A 119 -28.01 -5.51 -24.45
CA LYS A 120 -31.29 -3.73 -24.42
CA CYS A 121 -32.63 -2.51 -21.05
CA VAL A 122 -36.40 -2.90 -20.91
CA THR A 123 -36.95 -1.17 -17.56
CA LYS A 124 -34.91 1.34 -15.60
CA LEU A 125 -35.46 3.29 -12.37
CA GLU A 126 -34.06 6.70 -11.36
CA GLY A 127 -32.12 7.93 -8.34
CA LYS A 128 -32.38 11.69 -7.96
CA ILE A 129 -30.35 14.09 -5.85
CA VAL A 130 -32.38 17.15 -4.93
CA GLN A 131 -30.46 20.41 -4.85
CA TYR A 132 -31.22 22.37 -1.68
CA GLU A 133 -31.63 25.59 -3.67
CA ASN A 134 -34.75 24.28 -5.39
CA LEU A 135 -36.68 23.10 -2.34
CA LYS A 136 -39.95 25.02 -2.30
CA TYR A 137 -41.27 25.64 1.17
CA SER A 138 -45.00 26.23 1.37
CA VAL A 139 -45.96 28.15 4.46
CA ILE A 140 -49.67 28.45 5.18
CA VAL A 141 -50.82 31.41 7.18
CA THR A 142 -54.32 30.62 8.26
CA VAL A 143 -56.24 33.34 10.01
CA HIS A 144 -58.05 31.57 12.84
CA THR A 145 -61.16 33.66 13.27
CA GLY A 146 -64.41 32.76 15.01
CA ASP A 147 -66.36 30.84 12.40
CA GLN A 148 -64.46 28.90 10.72
CA HIS A 149 -66.55 26.50 8.73
CA GLN A 150 -64.34 23.40 8.79
CA VAL A 151 -60.97 22.17 10.12
CA GLY A 152 -57.86 23.84 8.78
CA ASN A 153 -59.82 26.17 9.20
CA GLU A 154 -61.32 25.57 5.73
CA THR A 155 -61.71 24.09 2.85
CA THR A 156 -62.98 27.31 1.20
CA GLU A 157 -59.52 28.83 1.00
CA HIS A 158 -57.10 26.88 3.18
CA GLY A 159 -54.69 29.65 4.08
CA THR A 160 -52.42 32.12 2.38
CA THR A 161 -49.67 30.10 0.86
CA ALA A 162 -46.29 31.63 0.33
CA THR A 163 -43.66 29.79 -1.59
CA ILE A 164 -40.02 30.53 -1.06
CA THR A 165 -36.89 28.57 -1.81
CA PRO A 166 -33.40 29.19 -0.33
CA GLN A 167 -33.37 31.74 -3.17
CA ALA A 168 -36.44 33.19 -1.48
CA PRO A 169 -38.09 36.00 -3.45
CA THR A 170 -40.10 38.83 -1.88
CA SER A 171 -43.63 37.44 -1.49
CA GLU A 172 -46.67 39.72 -1.38
CA ILE A 173 -49.42 37.57 0.05
CA GLN A 174 -52.90 39.08 0.19
CA LEU A 175 -54.86 38.39 3.38
CA THR A 176 -58.57 38.98 2.77
CA ASP A 177 -59.92 42.41 3.83
CA TYR A 178 -56.67 43.27 5.65
CA GLY A 179 -54.37 43.94 2.68
CA ALA A 180 -50.98 42.47 1.92
CA LEU A 181 -47.86 41.33 3.70
CA THR A 182 -44.40 41.64 2.22
CA LEU A 183 -41.90 39.00 3.29
CA ASP A 184 -38.41 37.65 2.62
CA CYS A 185 -37.03 34.38 4.01
CA SER A 186 -33.75 32.64 4.77
CA PRO A 187 -33.55 29.03 6.11
CA ARG A 188 -33.02 28.42 9.84
CA THR A 189 -32.03 25.08 11.41
CA GLY A 190 -33.75 22.98 9.83
CA LEU A 191 -32.96 20.09 8.60
CA ASP A 192 -29.47 18.78 7.85
CA PHE A 193 -27.57 17.81 4.68
CA ASN A 194 -25.73 14.51 4.69
CA GLU A 195 -27.06 14.23 1.82
CA MET A 196 -29.79 11.77 1.02
CA VAL A 197 -30.83 10.71 -2.44
CA LEU A 198 -34.51 10.47 -3.33
CA LEU A 199 -35.16 7.30 -5.30
CA THR A 200 -37.94 7.73 -7.82
CA MET A 201 -39.45 4.47 -8.81
CA LYS A 202 -43.17 4.97 -8.44
CA GLU A 203 -44.74 7.02 -5.68
CA LYS A 204 -42.83 4.44 -3.77
CA SER A 205 -39.81 6.60 -3.29
CA TRP A 206 -37.20 6.22 -0.69
CA LEU A 207 -34.63 8.21 1.25
CA VAL A 208 -31.33 6.45 0.82
CA HIS A 209 -27.82 7.22 1.94
CA LYS A 210 -25.49 9.06 -0.39
CA GLN A 211 -22.72 6.51 -0.05
CA TRP A 212 -25.10 3.50 0.03
CA PHE A 213 -26.84 4.51 -3.18
CA LEU A 214 -23.52 5.05 -4.92
CA ASP A 215 -22.37 1.72 -3.48
CA LEU A 216 -25.18 -0.37 -4.95
CA PRO A 217 -23.60 -2.96 -7.34
CA LEU A 218 -25.69 -2.18 -10.45
CA PRO A 219 -25.04 -0.68 -13.92
CA TRP A 220 -25.67 2.97 -14.33
CA THR A 221 -26.09 5.43 -17.10
CA SER A 222 -25.50 9.02 -16.08
CA GLY A 223 -28.61 11.01 -15.20
CA ALA A 224 -28.14 13.41 -18.12
CA SER A 225 -27.47 10.90 -20.91
CA THR A 226 -30.48 10.76 -23.20
CA SER A 227 -28.48 8.66 -25.69
CA GLN A 228 -28.47 5.68 -23.33
CA GLU A 229 -25.94 3.18 -24.62
CA THR A 230 -23.32 3.22 -21.81
CA TRP A 231 -24.32 0.99 -18.90
CA ASN A 232 -21.48 1.15 -16.40
CA ARG A 233 -21.04 -2.57 -15.81
CA GLN A 234 -24.15 -4.23 -17.24
CA ASP A 235 -22.26 -7.43 -16.41
CA LEU A 236 -23.22 -7.07 -12.73
CA LEU A 237 -26.70 -8.44 -13.58
CA VAL A 238 -25.53 -11.17 -15.99
CA THR A 239 -23.80 -14.53 -15.49
CA PHE A 240 -21.67 -15.75 -18.35
CA LYS A 241 -21.14 -19.48 -18.25
CA THR A 242 -18.90 -21.41 -20.61
CA ALA A 243 -19.46 -24.42 -22.83
CA HIS A 244 -16.38 -25.30 -24.85
CA ALA A 245 -14.18 -23.25 -27.19
CA LYS A 246 -17.25 -22.92 -29.36
CA LYS A 247 -19.48 -20.48 -27.56
CA GLN A 248 -20.41 -19.13 -24.16
CA GLU A 249 -23.78 -19.34 -22.49
CA VAL A 250 -25.14 -16.13 -21.07
CA VAL A 251 -28.00 -15.93 -18.60
CA VAL A 252 -29.78 -12.69 -17.77
CA LEU A 253 -31.31 -11.66 -14.47
CA GLY A 254 -35.01 -10.81 -14.49
CA SER A 255 -36.86 -7.82 -13.08
CA GLN A 256 -35.63 -6.88 -9.63
CA GLU A 257 -38.33 -4.24 -9.06
CA GLY A 258 -40.34 -6.14 -6.41
CA ALA A 259 -37.20 -7.54 -4.82
CA MET A 260 -35.66 -4.11 -4.54
CA HIS A 261 -38.76 -2.39 -3.13
CA THR A 262 -38.91 -5.14 -0.48
CA ALA A 263 -35.20 -4.88 0.29
CA LEU A 264 -35.78 -1.13 0.72
CA THR A 265 -38.10 -1.82 3.65
CA GLY A 266 -34.89 -0.61 5.26
CA ALA A 267 -34.97 2.84 3.60
CA THR A 268 -37.41 5.50 4.85
CA GLU A 269 -40.25 5.52 2.35
CA ILE A 270 -41.27 8.91 1.13
CA GLN A 271 -44.59 8.83 -0.61
CA THR A 272 -46.24 11.68 -2.49
CA SER A 273 -48.96 13.05 -0.23
CA GLY A 274 -48.78 16.84 -0.02
CA THR A 275 -48.39 17.71 -3.72
CA THR A 276 -44.98 16.13 -4.44
CA THR A 277 -43.02 14.69 -1.50
CA ILE A 278 -43.40 16.46 1.85
CA PHE A 279 -40.61 17.21 4.25
CA ALA A 280 -40.41 19.42 7.36
CA GLY A 281 -38.24 22.50 7.87
CA HIS A 282 -37.39 25.55 10.00
CA LEU A 283 -37.32 28.98 8.36
CA LYS A 284 -36.54 32.44 9.69
CA CYS A 285 -38.49 35.09 7.78
CA ARG A 286 -39.18 38.76 8.08
CA LEU A 287 -42.67 40.00 7.33
CA LYS A 288 -44.11 43.46 7.06
CA MET A 289 -47.54 44.28 8.36
CA ASP A 290 -48.27 47.90 7.59
CA LYS A 291 -51.23 46.80 5.51
CA LEU A 292 -53.34 45.00 8.06
CA THR A 293 -56.69 46.63 8.70
CA LEU A 294 -59.61 45.53 10.83
CA LYS A 295 -63.28 44.84 10.38
CA GLY A 296 -64.41 46.60 13.49
CA VAL A 297 -64.79 50.24 12.59
CA SER A 298 -68.33 50.63 11.26
CA TYR A 299 -69.25 47.96 13.80
CA VAL A 300 -71.13 49.91 16.47
CA MET A 301 -73.89 48.11 18.39
CA CYS A 302 -76.74 45.64 17.88
CA THR A 303 -80.07 45.13 19.61
CA GLY A 304 -80.97 41.85 21.33
CA SER A 305 -78.58 39.58 23.22
CA PHE A 306 -76.42 36.53 22.61
CA LYS A 307 -77.28 32.96 23.42
CA LEU A 308 -74.86 30.15 24.17
CA GLU A 309 -76.27 27.95 21.45
CA LYS A 310 -75.54 24.47 22.77
CA GLU A 311 -72.17 23.89 24.41
CA VAL A 312 -68.83 25.55 24.66
CA ALA A 313 -65.90 23.43 23.51
CA GLU A 314 -62.47 23.76 25.06
CA THR A 315 -59.26 23.57 23.05
CA GLN A 316 -56.24 21.79 24.49
CA HIS A 317 -54.18 25.00 24.29
CA GLY A 318 -56.14 26.66 27.05
CA THR A 319 -58.63 28.84 25.22
CA VAL A 320 -62.32 28.34 24.53
CA LEU A 321 -64.47 28.07 21.42
CA VAL A 322 -67.87 29.40 22.32
CA GLN A 323 -70.63 28.36 19.91
CA VAL A 324 -72.88 31.41 19.98
CA LYS A 325 -76.15 32.04 18.23
CA TYR A 326 -76.92 35.68 17.75
CA GLU A 327 -80.25 36.88 19.02
CA GLY A 328 -79.35 40.47 18.21
CA THR A 329 -80.09 42.33 15.01
CA ASP A 330 -78.96 45.59 13.39
CA ALA A 331 -75.54 44.46 12.24
CA PRO A 332 -72.69 45.44 11.88
CA CYS A 333 -72.02 45.69 15.64
CA LYS A 334 -69.26 45.64 18.22
CA ILE A 335 -69.73 42.73 20.64
CA PRO A 336 -70.40 43.27 24.40
CA PHE A 337 -67.93 40.94 26.10
CA SER A 338 -66.39 40.82 29.55
CA SER A 339 -64.82 38.39 31.99
CA GLN A 340 -66.15 39.23 35.41
CA ASP A 341 -66.11 37.70 38.86
CA GLU A 342 -68.38 37.78 41.93
CA LYS A 343 -68.52 41.56 42.09
CA GLY A 344 -67.81 41.85 38.40
CA VAL A 345 -64.52 43.13 37.13
CA ILE A 346 -63.31 43.85 33.57
CA GLN A 347 -62.19 41.46 30.85
CA ASN A 348 -59.12 39.53 32.01
CA GLY A 349 -59.21 37.50 28.79
CA ARG A 350 -58.58 38.54 25.18
CA LEU A 351 -60.08 37.97 21.74
CA ILE A 352 -58.48 35.52 19.31
CA THR A 353 -61.06 35.72 16.47
CA ALA A 354 -61.03 38.22 13.60
CA ASN A 355 -62.60 41.03 15.65
CA PRO A 356 -65.29 41.15 18.39
CA ILE A 357 -67.99 41.81 15.83
CA VAL A 358 -71.45 40.82 14.77
CA THR A 359 -70.84 40.16 11.12
CA ASP A 360 -74.42 39.48 10.18
CA LYS A 361 -77.48 39.52 12.38
CA GLU A 362 -78.71 36.11 13.56
CA LYS A 363 -75.73 34.45 11.93
CA PRO A 364 -74.46 31.68 14.20
CA VAL A 365 -70.84 32.55 14.83
CA ASN A 366 -68.47 30.60 16.99
CA ILE A 367 -66.38 33.09 18.98
CA GLU A 368 -63.03 32.12 20.42
CA ALA A 369 -61.73 33.88 23.52
CA GLU A 370 -58.56 33.40 25.56
CA PRO A 371 -59.71 33.85 29.22
CA PRO A 372 -57.78 33.41 32.50
CA PHE A 373 -57.89 30.03 34.28
CA GLY A 374 -60.39 29.18 36.98
CA GLU A 375 -63.83 30.76 37.41
CA SER A 376 -65.16 33.78 35.59
CA TYR A 377 -68.52 35.18 34.62
CA ILE A 378 -68.86 35.32 30.88
CA VAL A 379 -70.81 38.43 29.98
CA VAL A 380 -72.28 37.59 26.57
CA GLY A 381 -74.46 40.10 24.73
CA ALA A 382 -75.23 41.21 21.17
CA GLY A 383 -76.12 44.73 22.12
CA GLU A 384 -76.57 44.19 25.07
CA LYS A 385 -78.89 42.63 27.71
CA ALA A 386 -75.90 40.54 28.52
CA LEU A 387 -76.15 37.30 30.41
CA LYS A 388 -73.26 37.02 32.84
CA LEU A 389 -73.02 33.33 33.38
CA SER A 390 -70.55 31.87 35.82
CA TRP A 391 -68.34 29.26 34.28
CA PHE A 392 -65.58 27.20 35.87
CA LYS A 393 -62.71 26.44 33.55
CA LYS A 394 -60.47 24.00 35.42
CA GLY A 395 -57.89 26.21 37.03
CA SER A 396 -56.63 28.52 38.41
CA SER A 397 -52.96 27.86 37.74
CA ILE A 398 -50.22 30.42 38.32
CA GLY A 399 -47.05 28.62 39.46
CA LYS A 400 -46.91 26.09 36.65
CA MET A 401 -47.91 28.63 34.04
CA PHE A 402 -45.33 31.18 35.11
CA GLU A 403 -42.57 28.58 34.91
CA ALA A 404 -43.88 27.24 31.60
CA THR A 405 -43.78 30.64 29.84
CA ALA A 406 -40.40 31.52 31.40
CA ARG A 407 -39.08 28.25 29.92
CA GLY A 408 -41.00 28.74 26.63
CA ALA A 409 -39.49 32.14 25.83
CA ARG A 410 -35.98 30.83 26.66
CA ARG A 411 -35.56 27.90 24.25
CA MET A 412 -37.79 29.62 21.61
CA ALA A 413 -34.99 30.69 20.79
CA ILE A 414 -33.21 33.90 19.85
CA LEU A 415 -30.19 32.27 18.22
CA GLY A 416 -31.41 32.70 15.48
CA ASP A 417 -29.11 35.55 14.45
CA THR A 418 -26.62 37.47 16.55
CA ALA A 419 -27.59 41.06 15.62
CA TRP A 420 -30.44 42.81 17.42
CA ASP A 421 -29.04 46.33 17.36
CA PHE A 422 -28.31 46.17 13.62
CA GLY A 423 -27.08 49.75 13.15
CA SER A 424 -25.47 52.08 15.73
CA ILE A 425 -28.81 52.60 17.45
CA GLY A 426 -29.99 49.42 19.09
CA GLY A 427 -32.91 49.87 19.42
CA VAL A 428 -34.82 47.97 20.77
CA PHE A 429 -33.99 45.87 23.83
CA THR A 430 -35.35 43.28 24.67
CA SER A 431 -38.16 41.15 23.21
CA VAL A 432 -37.13 38.28 25.48
CA GLY A 433 -37.07 40.95 28.15
CA LYS A 434 -40.54 42.01 27.06
CA LEU A 435 -42.28 38.66 27.23
CA VAL A 436 -40.83 37.09 30.42
CA HIS A 437 -41.11 40.32 32.42
CA GLN A 438 -44.68 40.80 31.08
CA ILE A 439 -45.73 37.47 32.63
CA PHE A 440 -44.43 38.72 36.00
CA GLY A 441 -46.03 42.06 35.04
CA THR A 442 -49.67 40.85 34.90
CA ALA A 443 -49.27 39.68 38.45
CA TYR A 444 -47.62 42.80 39.85
CA GLY A 445 -50.05 45.44 38.67
CA VAL A 446 -53.36 43.63 39.16
CA LEU A 447 -52.09 42.64 42.67
CA PHE A 448 -50.91 46.18 43.41
CA SER A 449 -53.17 49.14 44.04
CA GLY A 450 -53.56 52.46 42.26
CA VAL A 451 -52.44 51.64 38.77
CA SER A 452 -50.72 48.69 37.19
CA TRP A 453 -47.70 49.86 35.13
CA THR A 454 -46.25 53.01 36.89
CA MET A 455 -46.47 51.44 40.38
CA LYS A 456 -44.33 48.40 39.53
CA ILE A 457 -41.68 50.69 38.03
CA GLY A 458 -41.64 52.75 41.25
CA ILE A 459 -40.77 49.81 43.50
CA GLY A 460 -38.20 48.44 41.03
CA ILE A 461 -36.08 51.57 40.61
CA LEU A 462 -36.12 52.40 44.35
CA LEU A 463 -34.14 49.20 45.06
CA THR A 464 -31.19 50.47 42.98
CA TRP A 465 -31.31 53.79 44.86
CA LEU A 466 -31.33 51.88 48.22
CA GLY A 467 -27.86 50.64 47.37
CA LEU A 468 -25.05 49.37 46.66
CA ASN A 469 -26.22 47.27 48.68
CA SER A 470 -25.70 47.06 52.45
CA ARG A 471 -26.39 43.43 53.34
CA SER A 472 -25.32 41.57 51.14
CA THR A 473 -22.93 41.26 48.15
CA SER A 474 -25.35 39.12 46.14
CA LEU A 475 -28.01 41.78 46.75
CA SER A 476 -25.63 44.44 45.38
CA MET A 477 -25.82 42.65 42.02
CA THR A 478 -29.61 42.06 42.14
CA CYS A 479 -30.52 45.72 42.99
CA ILE A 480 -29.04 46.95 39.70
CA ALA A 481 -30.69 44.15 37.73
CA VAL A 482 -34.28 44.70 38.99
CA GLY A 483 -34.26 48.51 38.65
CA MET A 484 -33.49 48.56 34.92
CA VAL A 485 -35.90 45.79 33.83
CA THR A 486 -38.92 47.25 35.69
CA LEU A 487 -38.54 50.46 33.72
CA TYR A 488 -38.09 48.89 30.28
CA LEU A 489 -40.92 46.35 30.27
CA GLY A 490 -43.55 48.36 32.14
CA VAL A 491 -42.72 51.55 30.25
CA MET A 492 -42.55 50.21 26.70
CA VAL A 493 -45.72 48.25 27.41
CA GLN A 494 -47.14 50.61 27.64
CA ALA A 495 -45.75 54.12 27.14
CA MET B 1 36.13 -47.80 15.27
CA ARG B 2 32.61 -46.65 16.12
CA CYS B 3 33.23 -44.11 18.86
CA VAL B 4 36.93 -43.88 18.10
CA GLY B 5 36.04 -43.35 14.48
CA ILE B 6 32.82 -41.39 14.83
CA SER B 7 32.29 -38.52 17.27
CA ASN B 8 33.86 -37.85 20.67
CA ARG B 9 34.74 -40.10 23.57
CA ASP B 10 34.35 -38.88 27.11
CA PHE B 11 36.32 -40.53 29.89
CA VAL B 12 34.46 -41.72 32.96
CA GLU B 13 36.21 -43.79 35.60
CA GLY B 14 34.90 -45.96 38.47
CA LEU B 15 33.55 -44.32 41.62
CA SER B 16 31.59 -47.33 42.75
CA ALA B 17 30.78 -50.36 40.65
CA THR B 18 28.98 -53.28 42.26
CA GLY B 19 25.35 -52.33 42.73
CA TRP B 20 25.95 -48.83 41.50
CA VAL B 21 27.29 -47.14 38.45
CA ASP B 22 25.16 -44.10 37.64
CA VAL B 23 24.78 -42.64 34.21
CA VAL B 24 22.59 -40.11 32.54
CA LEU B 25 22.57 -40.90 28.84
CA GLU B 26 21.90 -38.43 26.10
CA HIS B 27 22.02 -38.94 22.35
CA GLY B 28 25.23 -37.28 21.25
CA SER B 29 28.80 -38.55 21.10
CA CYS B 30 30.05 -41.53 23.09
CA VAL B 31 31.07 -42.20 26.63
CA THR B 32 33.97 -44.45 27.56
CA THR B 33 33.39 -45.93 31.00
CA MET B 34 36.30 -47.33 32.93
CA ALA B 35 36.44 -49.30 36.17
CA LYS B 36 39.05 -50.85 38.46
CA ASP B 37 40.33 -54.12 36.98
CA LYS B 38 37.49 -54.27 34.44
CA PRO B 39 37.70 -53.72 30.62
CA THR B 40 36.74 -50.25 29.29
CA LEU B 41 33.48 -50.05 27.36
CA ASP B 42 32.20 -47.49 24.86
CA ILE B 43 28.52 -46.60 24.76
CA GLU B 44 26.71 -44.99 21.83
CA LEU B 45 23.03 -44.24 21.30
CA LEU B 46 22.42 -45.30 17.68
CA LYS B 47 18.63 -45.09 17.43
CA THR B 48 15.94 -43.86 19.76
CA GLU B 49 12.88 -44.84 17.85
CA VAL B 50 9.13 -45.18 18.31
CA THR B 51 7.56 -48.66 18.42
CA ASN B 52 3.78 -49.28 18.68
CA PRO B 53 2.29 -45.72 18.47
CA ALA B 54 -1.49 -45.21 18.89
CA ILE B 55 -3.41 -44.34 15.71
CA LEU B 56 -5.34 -41.09 16.18
CA ARG B 57 -7.22 -41.12 12.84
CA LYS B 58 -6.98 -42.64 9.40
CA LEU B 59 -7.71 -39.97 6.79
CA CYS B 60 -8.64 -40.27 3.13
CA ILE B 61 -6.68 -37.92 0.86
CA GLU B 62 -7.97 -39.26 -2.47
CA ALA B 63 -11.33 -40.83 -3.17
CA LYS B 64 -13.32 -41.88 -6.18
CA ILE B 65 -17.04 -42.34 -6.59
CA SER B 66 -18.58 -45.12 -8.60
CA ASN B 67 -22.02 -46.69 -8.86
CA THR B 68 -23.70 -43.33 -9.50
CA THR B 69 -27.45 -43.86 -9.92
CA THR B 70 -30.12 -41.20 -10.31
CA ASP B 71 -33.77 -41.57 -9.32
CA SER B 72 -36.38 -38.85 -9.71
CA ARG B 73 -40.08 -38.65 -8.93
CA CYS B 74 -42.83 -36.04 -8.90
CA PRO B 75 -44.32 -33.36 -6.62
CA THR B 76 -47.47 -35.51 -6.77
CA GLN B 77 -46.03 -37.49 -3.87
CA GLY B 78 -43.90 -34.48 -3.08
CA GLU B 79 -40.43 -35.93 -3.19
CA ALA B 80 -38.61 -39.08 -4.35
CA THR B 81 -37.19 -41.98 -2.34
CA LEU B 82 -34.15 -44.13 -2.96
CA VAL B 83 -33.14 -47.24 -0.99
CA GLU B 84 -29.43 -46.29 -1.23
CA GLU B 85 -30.14 -43.44 1.25
CA GLN B 86 -30.26 -46.09 3.99
CA ASP B 87 -26.89 -47.41 2.88
CA THR B 88 -23.97 -45.61 4.52
CA ASN B 89 -21.67 -47.11 1.90
CA PHE B 90 -23.50 -44.88 -0.54
CA VAL B 91 -23.45 -41.14 -0.13
CA CYS B 92 -26.58 -39.48 -1.47
CA ARG B 93 -27.79 -35.96 -2.11
CA ARG B 94 -31.34 -34.73 -2.49
CA THR B 95 -32.29 -31.75 -4.63
CA PHE B 96 -35.47 -30.32 -6.14
CA VAL B 97 -36.50 -29.59 -9.74
CA ASP B 98 -39.71 -28.31 -11.36
CA ARG B 99 -42.08 -30.90 -12.76
CA GLY B 100 -45.62 -30.21 -13.99
CA TRP B 101 -47.84 -29.33 -16.92
CA GLY B 102 -45.43 -28.99 -19.82
CA ASN B 103 -42.47 -29.24 -17.47
CA GLY B 104 -42.25 -32.80 -16.28
CA CYS B 105 -44.77 -34.83 -14.33
CA GLY B 106 -48.20 -33.22 -14.15
CA LEU B 107 -48.66 -31.36 -10.91
CA PHE B 108 -46.93 -28.01 -11.19
CA GLY B 109 -44.28 -27.57 -8.53
CA LYS B 110 -40.93 -28.99 -7.53
CA GLY B 111 -40.38 -32.68 -6.89
CA SER B 112 -37.23 -34.22 -5.46
CA LEU B 113 -34.41 -35.74 -7.45
CA ILE B 114 -31.86 -37.93 -5.69
CA THR B 115 -28.46 -39.19 -6.79
CA CYS B 116 -26.45 -41.78 -4.84
CA ALA B 117 -22.93 -43.07 -5.48
CA LYS B 118 -20.67 -45.43 -3.54
CA PHE B 119 -17.84 -43.45 -1.97
CA LYS B 120 -14.50 -45.23 -2.04
CA CYS B 121 -11.28 -43.97 -0.53
CA VAL B 122 -8.37 -44.75 -2.89
CA THR B 123 -5.50 -43.51 -0.71
CA LYS B 124 -5.23 -42.86 2.99
CA LEU B 125 -2.64 -41.62 5.45
CA GLU B 126 -2.38 -42.29 9.20
CA GLY B 127 -2.00 -39.72 11.99
CA LYS B 128 -0.22 -41.18 15.01
CA ILE B 129 0.16 -40.18 18.66
CA VAL B 130 3.21 -41.69 20.40
CA GLN B 131 2.98 -43.80 23.55
CA TYR B 132 6.15 -43.28 25.67
CA GLU B 133 6.06 -46.79 27.24
CA ASN B 134 7.17 -48.50 24.04
CA LEU B 135 10.06 -46.26 22.91
CA LYS B 136 13.03 -48.39 21.87
CA TYR B 137 16.48 -47.22 22.73
CA SER B 138 19.24 -48.92 20.75
CA VAL B 139 22.54 -48.88 22.59
CA ILE B 140 25.88 -50.09 21.22
CA VAL B 141 28.12 -51.46 23.93
CA THR B 142 31.58 -52.24 22.63
CA VAL B 143 34.13 -53.92 24.90
CA HIS B 144 37.49 -52.26 24.29
CA THR B 145 40.40 -54.39 25.47
CA GLY B 146 42.06 -53.54 22.14
CA ASP B 147 39.70 -55.66 20.09
CA GLN B 148 37.25 -54.66 18.43
CA HIS B 149 38.08 -57.17 15.76
CA GLN B 150 39.81 -56.31 12.49
CA VAL B 151 39.23 -52.58 12.60
CA GLY B 152 35.88 -53.39 14.24
CA ASN B 153 34.17 -51.74 12.42
CA GLU B 154 30.93 -49.81 11.92
CA THR B 155 29.97 -51.57 9.19
CA THR B 156 31.71 -54.82 10.19
CA GLU B 157 30.88 -56.85 13.30
CA HIS B 158 32.61 -55.09 16.19
CA GLY B 159 30.49 -55.74 19.26
CA THR B 160 27.13 -56.07 20.93
CA THR B 161 24.26 -53.73 20.16
CA ALA B 162 21.37 -54.17 22.68
CA THR B 163 17.88 -52.70 22.38
CA ILE B 164 15.50 -52.13 25.33
CA THR B 165 12.06 -50.51 25.87
CA PRO B 166 10.44 -49.12 29.11
CA GLN B 167 8.35 -52.31 29.10
CA ALA B 168 11.37 -54.32 30.19
CA PRO B 169 14.33 -51.94 30.52
CA THR B 170 15.95 -54.20 33.13
CA SER B 171 18.65 -55.84 31.05
CA GLU B 172 21.19 -58.35 32.27
CA ILE B 173 23.60 -58.35 29.34
CA GLN B 174 25.88 -61.36 29.23
CA LEU B 175 29.41 -60.70 28.05
CA THR B 176 31.14 -64.02 27.44
CA ASP B 177 34.37 -64.67 29.33
CA TYR B 178 33.87 -61.50 31.38
CA GLY B 179 30.60 -62.26 33.17
CA ALA B 180 27.54 -60.01 33.26
CA LEU B 181 26.55 -56.39 33.57
CA THR B 182 23.16 -55.62 35.16
CA LEU B 183 21.33 -52.40 34.43
CA ASP B 184 17.95 -50.81 35.03
CA CYS B 185 16.83 -47.79 33.04
CA SER B 186 13.89 -45.45 32.88
CA PRO B 187 13.06 -43.10 29.97
CA ARG B 188 13.06 -39.32 30.52
CA THR B 189 9.47 -38.84 29.31
CA GLY B 190 6.62 -38.97 30.08
CA LEU B 191 3.72 -38.05 29.39
CA ASP B 192 1.95 -39.44 26.34
CA PHE B 193 3.56 -36.86 24.04
CA ASN B 194 2.28 -33.49 22.75
CA GLU B 195 0.17 -31.64 20.84
CA MET B 196 2.28 -32.77 17.88
CA VAL B 197 1.18 -35.63 15.66
CA LEU B 198 3.52 -37.82 13.59
CA LEU B 199 1.90 -38.00 10.17
CA THR B 200 2.70 -40.98 7.97
CA MET B 201 1.70 -40.20 4.42
CA LYS B 202 4.62 -41.51 2.43
CA GLU B 203 6.83 -44.25 3.89
CA LYS B 204 8.55 -41.11 5.11
CA SER B 205 6.81 -39.20 7.87
CA TRP B 206 6.30 -35.61 8.70
CA LEU B 207 5.81 -33.78 12.00
CA VAL B 208 2.63 -31.68 12.15
CA HIS B 209 0.87 -29.85 14.97
CA LYS B 210 -2.01 -31.82 16.45
CA GLN B 211 -4.73 -29.19 16.71
CA TRP B 212 -4.04 -27.61 13.31
CA PHE B 213 -4.13 -31.07 11.74
CA LEU B 214 -7.34 -32.11 13.54
CA ASP B 215 -9.07 -29.00 12.16
CA LEU B 216 -7.89 -29.79 8.60
CA PRO B 217 -10.98 -30.79 6.45
CA LEU B 218 -10.72 -34.35 5.13
CA PRO B 219 -12.84 -37.56 5.22
CA TRP B 220 -11.73 -39.34 8.40
CA THR B 221 -12.60 -42.05 10.82
CA SER B 222 -11.52 -41.83 14.45
CA GLY B 223 -9.72 -44.78 16.02
CA ALA B 224 -9.33 -47.61 13.56
CA SER B 225 -10.85 -48.79 10.30
CA THR B 226 -10.85 -52.58 9.90
CA SER B 227 -13.80 -53.10 7.57
CA GLN B 228 -13.94 -49.30 7.27
CA GLU B 229 -16.49 -47.00 8.90
CA THR B 230 -18.35 -43.99 7.53
CA TRP B 231 -16.01 -41.13 6.84
CA ASN B 232 -16.61 -37.73 8.38
CA ARG B 233 -16.51 -34.93 5.77
CA GLN B 234 -17.12 -36.76 2.48
CA ASP B 235 -18.77 -33.84 0.64
CA LEU B 236 -15.38 -32.16 0.16
CA LEU B 237 -14.59 -34.11 -3.02
CA VAL B 238 -17.91 -33.65 -4.86
CA THR B 239 -19.44 -30.62 -6.47
CA PHE B 240 -23.12 -30.86 -7.34
CA LYS B 241 -24.12 -28.76 -10.37
CA THR B 242 -27.61 -28.08 -11.76
CA ALA B 243 -30.33 -30.61 -12.45
CA HIS B 244 -32.92 -31.15 -15.21
CA ALA B 245 -35.81 -33.45 -14.31
CA LYS B 246 -34.25 -36.91 -14.33
CA LYS B 247 -30.46 -36.64 -14.13
CA GLN B 248 -28.38 -34.05 -12.23
CA GLU B 249 -24.85 -33.10 -13.23
CA VAL B 250 -22.13 -33.87 -10.67
CA VAL B 251 -18.55 -32.80 -11.36
CA VAL B 252 -15.57 -34.44 -9.73
CA LEU B 253 -12.47 -33.21 -7.94
CA GLY B 254 -9.92 -35.76 -6.78
CA SER B 255 -6.54 -36.37 -5.19
CA GLN B 256 -5.48 -33.68 -2.74
CA GLU B 257 -2.08 -35.28 -2.19
CA GLY B 258 0.30 -32.88 -3.96
CA ALA B 259 -0.76 -29.66 -2.18
CA MET B 260 -0.59 -31.47 1.12
CA HIS B 261 2.94 -32.78 0.40
CA THR B 262 4.00 -29.20 -0.42
CA ALA B 263 2.36 -27.90 2.72
CA LEU B 264 4.14 -30.63 4.75
CA THR B 265 7.46 -29.15 3.66
CA GLY B 266 5.67 -26.02 4.94
CA ALA B 267 5.53 -27.99 8.19
CA THR B 268 8.56 -30.15 8.98
CA GLU B 269 9.68 -33.50 7.57
CA ILE B 270 10.86 -35.90 10.26
CA GLN B 271 13.77 -38.13 9.36
CA THR B 272 13.69 -41.87 9.62
CA SER B 273 16.00 -44.85 9.64
CA GLY B 274 14.77 -48.26 8.63
CA THR B 275 11.15 -47.19 8.17
CA THR B 276 10.83 -45.94 11.78
CA THR B 277 10.61 -42.40 13.10
CA ILE B 278 13.16 -41.35 15.68
CA PHE B 279 12.44 -39.65 19.00
CA ALA B 280 14.61 -37.66 21.46
CA GLY B 281 17.00 -40.02 23.20
CA HIS B 282 17.29 -39.42 26.94
CA LEU B 283 17.70 -42.18 29.53
CA LYS B 284 18.47 -42.13 33.22
CA CYS B 285 19.99 -45.46 34.27
CA ARG B 286 21.34 -47.11 37.40
CA LEU B 287 23.57 -50.10 36.91
CA LYS B 288 24.70 -52.89 39.14
CA MET B 289 27.86 -54.87 38.37
CA ASP B 290 28.61 -58.51 38.90
CA LYS B 291 31.93 -58.82 37.19
CA LEU B 292 33.63 -57.97 33.97
CA THR B 293 37.01 -59.63 33.97
CA LEU B 294 39.90 -59.43 31.48
CA LYS B 295 41.72 -62.08 29.43
CA GLY B 296 45.17 -63.48 30.03
CA VAL B 297 44.92 -67.00 31.36
CA SER B 298 46.76 -68.65 28.46
CA TYR B 299 48.12 -65.33 27.25
CA VAL B 300 51.43 -64.79 29.11
CA MET B 301 53.91 -62.19 27.82
CA CYS B 302 55.25 -61.61 24.36
CA THR B 303 58.52 -60.47 22.92
CA GLY B 304 57.76 -59.69 19.28
CA SER B 305 58.22 -56.89 16.81
CA PHE B 306 55.37 -54.65 15.73
CA LYS B 307 54.25 -53.69 12.30
CA LEU B 308 52.40 -50.44 11.77
CA GLU B 309 48.79 -51.44 10.90
CA LYS B 310 48.17 -47.99 9.53
CA GLU B 311 50.29 -45.35 11.31
CA VAL B 312 50.06 -43.67 14.75
CA ALA B 313 47.22 -41.18 15.02
CA GLU B 314 46.62 -38.39 17.53
CA THR B 315 42.93 -38.07 18.45
CA GLN B 316 40.65 -35.26 19.53
CA HIS B 317 39.52 -37.37 22.51
CA GLY B 318 42.89 -36.66 24.10
CA THR B 319 44.52 -40.04 23.54
CA VAL B 320 46.90 -41.57 21.01
CA LEU B 321 46.18 -44.60 18.86
CA VAL B 322 48.99 -47.06 18.30
CA GLN B 323 47.64 -49.23 15.52
CA VAL B 324 49.44 -52.56 15.46
CA LYS B 325 49.62 -55.65 13.36
CA TYR B 326 51.78 -58.17 15.18
CA GLU B 327 55.03 -58.84 13.35
CA GLY B 328 56.84 -61.03 15.84
CA THR B 329 54.13 -63.54 16.66
CA ASP B 330 54.74 -64.87 20.17
CA ALA B 331 51.04 -65.89 20.59
CA PRO B 332 49.23 -66.78 22.84
CA CYS B 333 50.62 -63.83 24.74
CA LYS B 334 49.70 -60.46 26.21
CA ILE B 335 51.90 -57.72 24.78
CA PRO B 336 54.05 -55.56 27.11
CA PHE B 337 53.38 -51.82 26.93
CA SER B 338 54.98 -48.84 28.64
CA SER B 339 54.96 -45.07 28.40
CA GLN B 340 58.05 -43.53 30.00
CA ASP B 341 59.77 -40.14 29.93
CA GLU B 342 61.85 -38.66 27.08
CA LYS B 343 64.78 -39.87 29.17
CA GLY B 344 62.90 -43.14 29.58
CA VAL B 345 62.80 -42.99 33.34
CA ILE B 346 59.54 -41.59 34.68
CA GLN B 347 56.62 -43.84 33.86
CA ASN B 348 53.61 -41.61 33.18
CA GLY B 349 50.36 -41.70 31.16
CA ARG B 350 47.85 -44.54 31.42
CA LEU B 351 46.24 -47.22 29.22
CA ILE B 352 42.60 -46.76 28.14
CA THR B 353 42.31 -50.36 26.88
CA ALA B 354 43.27 -53.50 28.79
CA ASN B 355 46.28 -55.58 27.84
CA PRO B 356 46.00 -56.71 24.19
CA ILE B 357 46.97 -60.17 22.99
CA VAL B 358 48.70 -61.62 19.93
CA THR B 359 46.02 -63.61 18.15
CA ASP B 360 46.59 -63.88 14.41
CA LYS B 361 49.79 -62.99 12.63
CA GLU B 362 49.05 -59.43 11.60
CA LYS B 363 45.68 -59.21 13.24
CA PRO B 364 44.98 -55.45 12.98
CA VAL B 365 44.30 -54.32 16.54
CA ASN B 366 43.81 -50.73 17.56
CA ILE B 367 45.20 -49.94 21.02
CA GLU B 368 44.00 -46.79 22.72
CA ALA B 369 46.35 -45.34 25.31
CA GLU B 370 46.55 -41.95 26.91
CA PRO B 371 50.32 -41.36 27.20
CA PRO B 372 51.43 -38.31 29.24
CA PHE B 373 51.39 -34.77 27.93
CA GLY B 374 54.57 -33.47 26.44
CA GLU B 375 57.53 -35.57 25.46
CA SER B 376 57.85 -39.22 26.25
CA TYR B 377 59.34 -42.47 24.93
CA ILE B 378 56.66 -45.10 24.38
CA VAL B 379 58.61 -48.30 24.84
CA VAL B 380 56.08 -50.83 23.57
CA GLY B 381 56.61 -54.58 23.86
CA ALA B 382 60.07 -55.96 23.16
CA GLY B 383 63.17 -53.88 23.42
CA GLU B 384 65.53 -52.90 21.88
CA LYS B 385 63.65 -54.68 19.14
CA ALA B 386 60.10 -53.34 18.91
CA LEU B 387 58.94 -49.70 19.08
CA LYS B 388 60.56 -47.08 21.27
CA LEU B 389 58.83 -44.00 19.90
CA SER B 390 59.56 -40.48 21.13
CA TRP B 391 56.17 -38.85 21.15
CA PHE B 392 55.14 -35.30 21.79
CA LYS B 393 51.58 -34.98 23.02
CA LYS B 394 50.11 -31.49 23.01
CA GLY B 395 48.62 -30.22 26.26
CA SER B 396 49.65 -26.94 27.87
CA SER B 397 47.73 -25.53 30.84
CA ILE B 398 44.14 -24.78 29.82
CA GLY B 399 43.57 -28.49 29.03
CA LYS B 400 43.70 -29.46 32.73
CA MET B 401 41.21 -26.71 33.61
CA PHE B 402 38.77 -27.93 30.93
CA GLU B 403 38.70 -31.37 32.55
CA ALA B 404 38.03 -30.00 36.05
CA THR B 405 34.81 -28.30 34.90
CA ALA B 406 33.95 -31.18 32.56
CA ARG B 407 34.03 -33.72 35.37
CA GLY B 408 32.36 -31.40 37.86
CA ALA B 409 29.10 -30.36 36.16
CA ARG B 410 28.24 -33.96 35.16
CA ARG B 411 27.87 -36.13 38.24
CA MET B 412 25.45 -33.75 40.10
CA ALA B 413 23.28 -35.26 38.45
CA ILE B 414 19.48 -35.07 38.21
CA LEU B 415 17.84 -31.71 38.92
CA GLY B 416 15.61 -30.58 40.63
CA ASP B 417 15.23 -34.04 42.14
CA THR B 418 17.73 -36.12 44.10
CA ALA B 419 20.53 -38.19 42.65
CA TRP B 420 21.61 -39.18 46.18
CA ASP B 421 20.72 -42.42 47.87
CA PHE B 422 19.37 -43.05 51.39
CA GLY B 423 21.81 -42.94 54.30
CA SER B 424 24.05 -45.93 54.88
CA ILE B 425 27.78 -45.83 55.63
CA GLY B 426 27.88 -44.41 52.92
CA GLY B 427 25.51 -43.04 51.85
CA VAL B 428 24.40 -40.73 49.94
CA PHE B 429 27.53 -39.81 47.97
CA THR B 430 30.53 -40.77 48.53
CA SER B 431 30.77 -40.30 44.76
CA VAL B 432 30.94 -36.49 44.80
CA GLY B 433 33.79 -37.03 47.21
CA LYS B 434 35.22 -39.73 45.02
CA LEU B 435 35.44 -38.21 41.51
CA VAL B 436 36.72 -34.67 42.10
CA HIS B 437 39.24 -35.81 44.71
CA GLN B 438 40.37 -38.75 42.52
CA ILE B 439 41.39 -36.36 39.71
CA PHE B 440 43.24 -34.04 42.14
CA GLY B 441 44.71 -37.08 43.89
CA THR B 442 47.18 -37.95 41.13
CA ALA B 443 48.88 -34.57 41.46
CA TYR B 444 49.02 -34.30 45.26
CA GLY B 445 49.67 -37.81 46.57
CA VAL B 446 50.85 -40.25 43.97
CA LEU B 447 53.54 -38.10 42.29
CA PHE B 448 54.92 -36.52 45.44
CA SER B 449 57.93 -38.57 46.56
CA GLY B 450 57.81 -41.28 48.27
CA VAL B 451 54.95 -41.93 48.72
CA SER B 452 54.27 -38.64 50.47
CA TRP B 453 50.82 -40.11 51.34
CA THR B 454 51.47 -40.10 55.11
CA MET B 455 52.42 -36.41 55.00
CA LYS B 456 49.32 -35.57 53.01
CA ILE B 457 46.98 -36.97 55.73
CA GLY B 458 49.05 -34.95 58.18
CA ILE B 459 48.59 -31.51 56.58
CA GLY B 460 44.80 -31.63 56.46
CA ILE B 461 44.04 -32.83 59.94
CA LEU B 462 46.76 -30.71 61.55
CA LEU B 463 45.15 -27.47 60.31
CA THR B 464 42.07 -27.72 62.56
CA TRP B 465 44.21 -28.91 65.49
CA LEU B 466 46.68 -26.00 64.97
CA GLY B 467 43.92 -23.74 66.01
CA LEU B 468 41.25 -24.44 67.14
CA ASN B 469 38.55 -23.12 66.36
CA SER B 470 37.02 -20.48 68.59
CA ARG B 471 36.28 -17.41 66.52
CA SER B 472 35.30 -16.97 63.68
CA THR B 473 32.88 -18.65 61.27
CA SER B 474 35.41 -18.01 58.48
CA LEU B 475 38.25 -19.42 60.59
CA SER B 476 36.10 -22.55 61.02
CA MET B 477 35.61 -22.91 57.26
CA THR B 478 39.27 -23.21 56.10
CA CYS B 479 40.21 -25.76 58.80
CA ILE B 480 37.40 -28.06 57.64
CA ALA B 481 38.22 -27.65 53.93
CA VAL B 482 41.82 -28.86 53.96
CA GLY B 483 40.94 -31.66 56.48
CA MET B 484 38.31 -33.28 54.24
CA VAL B 485 40.38 -33.52 51.03
CA THR B 486 43.10 -35.51 52.77
CA LEU B 487 40.54 -38.07 53.87
CA TYR B 488 40.05 -39.51 50.38
CA LEU B 489 43.77 -39.52 49.57
CA GLY B 490 44.91 -40.88 52.92
CA VAL B 491 42.37 -43.67 52.65
CA MET B 492 42.76 -44.70 49.01
CA VAL B 493 46.46 -44.31 49.76
CA GLN B 494 46.45 -46.63 51.35
CA ALA B 495 44.67 -46.81 47.99
CA MET C 1 21.81 43.48 -30.43
CA ARG C 2 24.15 40.56 -29.83
CA CYS C 3 25.51 40.43 -26.27
CA VAL C 4 23.94 43.88 -26.21
CA GLY C 5 20.75 42.09 -27.29
CA ILE C 6 20.63 39.98 -24.13
CA SER C 7 20.88 41.04 -20.48
CA ASN C 8 23.75 38.56 -19.78
CA ARG C 9 26.33 41.18 -20.65
CA ASP C 10 29.10 42.31 -18.36
CA PHE C 11 30.60 45.70 -19.17
CA VAL C 12 34.32 46.10 -18.90
CA GLU C 13 36.30 49.15 -20.01
CA GLY C 14 40.06 49.87 -19.99
CA LEU C 15 41.46 48.04 -16.93
CA SER C 16 44.73 46.17 -16.51
CA ALA C 17 45.66 44.03 -19.50
CA THR C 18 48.51 43.06 -21.84
CA GLY C 19 48.99 40.15 -19.54
CA TRP C 20 46.97 37.34 -18.03
CA VAL C 21 43.76 38.45 -16.43
CA ASP C 22 41.46 35.69 -15.20
CA VAL C 23 37.77 35.57 -16.11
CA VAL C 24 35.15 32.85 -16.01
CA LEU C 25 33.28 32.21 -19.21
CA GLU C 26 29.93 30.46 -19.23
CA HIS C 27 27.68 29.20 -21.97
CA GLY C 28 25.21 31.73 -23.35
CA SER C 29 26.70 34.53 -21.24
CA CYS C 30 29.01 37.30 -22.37
CA VAL C 31 31.61 39.75 -21.31
CA THR C 32 31.87 42.89 -23.44
CA THR C 33 35.34 44.31 -23.21
CA MET C 34 36.49 47.78 -24.18
CA ALA C 35 39.99 49.21 -23.96
CA LYS C 36 41.36 52.56 -25.03
CA ASP C 37 42.11 52.80 -28.74
CA LYS C 38 41.47 49.08 -28.98
CA PRO C 39 38.22 47.76 -30.51
CA THR C 40 35.18 47.07 -28.32
CA LEU C 41 34.57 43.32 -28.46
CA ASP C 42 31.74 41.04 -27.48
CA ILE C 43 32.98 37.64 -26.37
CA GLU C 44 30.63 34.76 -25.84
CA LEU C 45 30.99 31.09 -25.07
CA LEU C 46 27.69 30.23 -26.80
CA LYS C 47 27.70 26.46 -27.22
CA THR C 48 29.46 23.46 -25.77
CA GLU C 49 29.21 20.35 -27.91
CA VAL C 50 31.14 17.10 -27.86
CA THR C 51 33.55 16.15 -30.65
CA ASN C 52 33.59 12.33 -30.64
CA PRO C 53 32.79 10.89 -27.17
CA ALA C 54 33.86 7.27 -26.45
CA ILE C 55 31.40 4.54 -27.46
CA LEU C 56 30.68 2.48 -24.34
CA ARG C 57 28.53 -0.50 -25.61
CA LYS C 58 26.39 -1.56 -28.61
CA LEU C 59 22.89 -2.82 -27.81
CA CYS C 60 20.32 -4.50 -30.12
CA ILE C 61 16.84 -2.99 -29.50
CA GLU C 62 15.10 -4.74 -32.32
CA ALA C 63 16.06 -8.00 -33.80
CA LYS C 64 14.34 -10.36 -36.13
CA ILE C 65 14.48 -14.08 -36.32
CA SER C 66 14.61 -15.89 -39.62
CA ASN C 67 15.56 -19.37 -40.84
CA THR C 68 13.72 -21.02 -37.93
CA THR C 69 14.46 -24.69 -37.78
CA THR C 70 13.25 -27.16 -35.21
CA ASP C 71 15.05 -30.48 -34.97
CA SER C 72 13.66 -33.55 -33.29
CA ARG C 73 14.74 -37.13 -33.09
CA CYS C 74 13.15 -39.91 -31.02
CA PRO C 75 13.93 -41.22 -27.49
CA THR C 76 17.69 -41.63 -27.54
CA GLN C 77 18.54 -38.78 -25.25
CA GLY C 78 16.45 -36.04 -23.71
CA GLU C 79 18.81 -33.22 -24.62
CA ALA C 80 20.57 -33.38 -27.98
CA THR C 81 22.98 -30.65 -29.05
CA LEU C 82 23.62 -29.31 -32.52
CA VAL C 83 26.62 -27.78 -34.31
CA GLU C 84 24.32 -24.78 -34.88
CA GLU C 85 24.34 -24.15 -31.11
CA GLN C 86 28.08 -23.49 -31.44
CA ASP C 87 27.53 -21.26 -34.48
CA THR C 88 27.02 -17.55 -33.78
CA ASN C 89 24.45 -17.50 -36.56
CA PHE C 90 21.79 -19.46 -34.74
CA VAL C 91 20.70 -18.98 -31.18
CA CYS C 92 19.47 -22.34 -29.98
CA ARG C 93 18.12 -24.14 -26.97
CA ARG C 94 17.95 -27.92 -26.61
CA THR C 95 15.27 -29.48 -24.46
CA PHE C 96 13.57 -32.78 -23.71
CA VAL C 97 9.92 -33.53 -24.08
CA ASP C 98 7.87 -36.62 -23.31
CA ARG C 99 7.11 -38.86 -26.27
CA GLY C 100 4.96 -41.91 -26.66
CA TRP C 101 3.92 -44.29 -29.40
CA GLY C 102 1.22 -42.73 -31.57
CA ASN C 103 1.71 -39.36 -29.87
CA GLY C 104 5.50 -39.36 -30.08
CA CYS C 105 7.69 -41.53 -32.30
CA GLY C 106 7.06 -45.08 -31.31
CA LEU C 107 8.48 -45.34 -27.82
CA PHE C 108 7.68 -43.95 -24.39
CA GLY C 109 10.52 -41.89 -23.00
CA LYS C 110 11.99 -38.44 -23.40
CA GLY C 111 12.84 -37.51 -26.97
CA SER C 112 14.99 -34.73 -28.22
CA LEU C 113 13.78 -31.33 -29.23
CA ILE C 114 16.05 -28.49 -30.34
CA THR C 115 14.80 -25.17 -31.64
CA CYS C 116 17.18 -22.82 -33.40
CA ALA C 117 16.57 -19.52 -35.12
CA LYS C 118 18.99 -17.32 -37.00
CA PHE C 119 19.38 -14.14 -35.01
CA LYS C 120 19.88 -10.93 -36.94
CA CYS C 121 19.84 -7.56 -35.12
CA VAL C 122 17.82 -5.13 -37.23
CA THR C 123 18.29 -2.02 -35.11
CA LYS C 124 20.96 -1.36 -32.61
CA LEU C 125 21.68 1.53 -30.32
CA GLU C 126 24.95 2.96 -29.29
CA GLY C 127 25.56 4.11 -25.76
CA LYS C 128 28.33 6.66 -25.71
CA ILE C 129 30.07 7.78 -22.54
CA VAL C 130 31.13 11.39 -22.60
CA GLN C 131 34.59 12.06 -21.18
CA TYR C 132 35.96 15.53 -20.34
CA GLU C 133 38.69 14.95 -22.91
CA ASN C 134 36.42 15.39 -25.92
CA LEU C 135 34.40 18.51 -24.99
CA LYS C 136 34.50 21.31 -27.57
CA TYR C 137 33.75 24.82 -26.29
CA SER C 138 32.77 27.25 -29.01
CA VAL C 139 33.61 30.87 -28.28
CA ILE C 140 32.82 33.64 -30.73
CA VAL C 141 34.85 36.82 -30.42
CA THR C 142 32.91 39.36 -32.44
CA VAL C 143 34.22 42.92 -32.89
CA HIS C 144 31.37 45.04 -31.55
CA THR C 145 31.78 48.56 -32.77
CA GLY C 146 28.04 49.05 -32.85
CA ASP C 147 25.52 46.40 -33.83
CA GLN C 148 22.43 46.13 -34.88
CA HIS C 149 21.92 42.35 -34.58
CA GLN C 150 23.74 39.07 -33.88
CA VAL C 151 24.91 37.87 -37.29
CA GLY C 152 24.92 41.23 -39.03
CA ASN C 153 24.49 44.10 -39.54
CA GLU C 154 26.99 46.72 -38.32
CA THR C 155 28.54 46.79 -41.23
CA THR C 156 28.01 43.04 -40.90
CA GLU C 157 30.05 41.01 -38.35
CA HIS C 158 29.56 37.31 -37.89
CA GLY C 159 32.42 36.97 -35.43
CA THR C 160 35.55 34.87 -35.45
CA THR C 161 34.53 31.57 -33.91
CA ALA C 162 37.33 29.66 -32.23
CA THR C 163 37.01 26.11 -31.01
CA ILE C 164 39.04 24.99 -28.06
CA THR C 165 39.57 22.00 -25.86
CA PRO C 166 39.40 22.38 -22.03
CA GLN C 167 43.20 22.50 -22.04
CA ALA C 168 43.75 24.73 -25.05
CA PRO C 169 46.45 27.32 -24.25
CA THR C 170 47.76 30.30 -26.32
CA SER C 171 45.11 30.77 -29.02
CA GLU C 172 45.65 33.71 -31.35
CA ILE C 173 42.38 35.03 -32.72
CA GLN C 174 43.01 37.62 -35.43
CA LEU C 175 40.96 40.78 -35.70
CA THR C 176 41.80 42.19 -39.16
CA ASP C 177 44.14 45.24 -39.25
CA TYR C 178 44.18 45.26 -35.41
CA GLY C 179 46.30 42.10 -35.03
CA ALA C 180 45.82 39.17 -32.63
CA LEU C 181 45.09 38.55 -28.93
CA THR C 182 46.51 35.52 -27.02
CA LEU C 183 44.44 33.46 -24.56
CA ASP C 184 44.70 30.25 -22.56
CA CYS C 185 41.88 28.23 -20.98
CA SER C 186 41.48 25.75 -18.13
CA PRO C 187 38.28 23.77 -17.30
CA ARG C 188 36.12 24.64 -14.31
CA THR C 189 33.16 22.35 -13.51
CA GLY C 190 31.15 20.11 -13.84
CA LEU C 191 32.46 17.43 -14.73
CA ASP C 192 31.37 16.17 -11.31
CA PHE C 193 30.87 12.70 -12.81
CA ASN C 194 27.61 10.88 -12.16
CA GLU C 195 28.23 9.49 -14.91
CA MET C 196 25.72 10.08 -17.60
CA VAL C 197 25.81 8.23 -20.89
CA LEU C 198 24.25 9.42 -24.12
CA LEU C 199 22.22 6.51 -25.34
CA THR C 200 21.61 7.28 -28.99
CA MET C 201 18.42 5.85 -30.25
CA LYS C 202 17.54 6.93 -33.76
CA GLU C 203 19.76 9.97 -33.76
CA LYS C 204 18.20 11.71 -30.79
CA SER C 205 20.02 10.93 -27.62
CA TRP C 206 19.26 11.18 -23.95
CA LEU C 207 21.41 11.62 -20.80
CA VAL C 208 20.73 8.81 -18.35
CA HIS C 209 22.29 7.74 -15.09
CA LYS C 210 25.07 5.20 -14.95
CA GLN C 211 23.72 2.69 -12.38
CA TRP C 212 20.28 2.63 -14.06
CA PHE C 213 22.03 2.17 -17.43
CA LEU C 214 24.17 -0.75 -16.24
CA ASP C 215 21.09 -2.78 -15.39
CA LEU C 216 19.63 -2.70 -18.90
CA PRO C 217 18.84 -6.25 -20.21
CA LEU C 218 19.35 -6.27 -23.97
CA PRO C 219 21.46 -8.25 -26.49
CA TRP C 220 24.69 -6.31 -26.11
CA THR C 221 28.41 -6.54 -26.40
CA SER C 222 30.66 -4.05 -24.68
CA GLY C 223 32.51 -1.49 -26.75
CA ALA C 224 32.04 -2.68 -30.27
CA SER C 225 31.96 -6.19 -31.63
CA THR C 226 33.21 -6.44 -35.22
CA SER C 227 29.89 -6.06 -36.98
CA GLN C 228 27.69 -8.79 -35.60
CA GLU C 229 28.96 -11.36 -33.16
CA THR C 230 27.35 -13.13 -30.21
CA TRP C 231 25.20 -10.61 -28.40
CA ASN C 232 25.29 -11.26 -24.67
CA ARG C 233 21.95 -11.86 -22.96
CA GLN C 234 20.31 -12.03 -26.41
CA ASP C 235 17.58 -14.46 -25.24
CA LEU C 236 16.01 -11.56 -23.32
CA LEU C 237 14.59 -10.08 -26.59
CA VAL C 238 13.13 -13.45 -27.75
CA THR C 239 10.25 -15.24 -26.00
CA PHE C 240 10.32 -19.02 -26.01
CA LYS C 241 6.85 -20.50 -25.55
CA THR C 242 5.45 -24.02 -25.82
CA ALA C 243 3.08 -25.54 -28.36
CA HIS C 244 -0.34 -27.15 -28.65
CA ALA C 245 1.39 -30.12 -30.32
CA LYS C 246 4.49 -31.57 -28.67
CA LYS C 247 7.20 -29.12 -29.81
CA GLN C 248 7.96 -25.59 -28.55
CA GLU C 249 7.07 -22.29 -30.25
CA VAL C 250 9.12 -19.11 -30.66
CA VAL C 251 7.39 -15.78 -30.39
CA VAL C 252 8.92 -12.43 -31.20
CA LEU C 253 8.40 -9.33 -29.11
CA GLY C 254 9.39 -6.84 -31.82
CA SER C 255 10.72 -3.32 -31.56
CA GLN C 256 11.48 -2.06 -28.09
CA GLU C 257 12.39 1.45 -29.37
CA GLY C 258 9.09 3.17 -28.54
CA ALA C 259 8.99 1.29 -25.24
CA MET C 260 12.42 2.63 -24.42
CA HIS C 261 11.50 6.22 -25.47
CA THR C 262 8.54 6.08 -23.03
CA ALA C 263 10.70 4.58 -20.28
CA LEU C 264 13.20 7.41 -20.94
CA THR C 265 10.73 10.05 -19.83
CA GLY C 266 12.79 11.56 -17.04
CA ALA C 267 16.13 11.74 -18.78
CA THR C 268 18.08 14.97 -19.12
CA GLU C 269 17.85 14.64 -22.83
CA ILE C 270 19.43 16.85 -25.33
CA GLN C 271 18.19 15.41 -28.57
CA THR C 272 19.42 16.23 -32.04
CA SER C 273 18.02 19.61 -33.12
CA GLY C 274 19.54 19.30 -36.56
CA THR C 275 22.98 17.94 -35.86
CA THR C 276 24.06 19.88 -32.75
CA THR C 277 23.61 18.59 -29.22
CA ILE C 278 24.55 21.47 -26.91
CA PHE C 279 25.29 21.18 -23.24
CA ALA C 280 26.50 23.51 -20.53
CA GLY C 281 30.01 24.95 -20.54
CA HIS C 282 31.99 26.44 -17.70
CA LEU C 283 35.58 27.52 -18.27
CA LYS C 284 38.03 29.64 -16.37
CA CYS C 285 40.26 31.35 -18.91
CA ARG C 286 42.98 33.95 -18.81
CA LEU C 287 43.50 36.39 -21.63
CA LYS C 288 46.34 38.58 -22.76
CA MET C 289 46.12 41.29 -25.38
CA ASP C 290 48.98 41.77 -27.80
CA LYS C 291 48.66 43.69 -31.06
CA LEU C 292 45.21 45.25 -31.06
CA THR C 293 45.00 48.74 -32.48
CA LEU C 294 41.80 50.50 -33.50
CA LYS C 295 42.06 53.21 -36.11
CA GLY C 296 41.53 56.34 -34.07
CA VAL C 297 40.68 59.97 -34.70
CA SER C 298 43.59 60.62 -37.02
CA TYR C 299 41.96 62.02 -40.15
CA VAL C 300 40.71 65.53 -41.05
CA MET C 301 37.43 67.29 -40.13
CA CYS C 302 33.87 66.39 -41.07
CA THR C 303 31.01 68.44 -42.30
CA GLY C 304 28.96 65.80 -40.57
CA SER C 305 25.39 66.40 -41.45
CA PHE C 306 24.25 63.37 -39.52
CA LYS C 307 20.75 62.21 -38.96
CA LEU C 308 19.42 60.68 -35.78
CA GLU C 309 18.10 57.48 -37.35
CA LYS C 310 16.13 55.66 -34.66
CA GLU C 311 15.26 56.98 -31.21
CA VAL C 312 17.57 57.00 -28.21
CA ALA C 313 16.77 53.72 -26.54
CA GLU C 314 18.00 52.34 -23.22
CA THR C 315 18.90 48.67 -23.47
CA GLN C 316 18.32 45.45 -21.54
CA HIS C 317 21.79 45.78 -20.11
CA GLY C 318 20.83 49.43 -19.65
CA THR C 319 23.21 51.59 -21.68
CA VAL C 320 22.03 53.77 -24.53
CA LEU C 321 22.08 53.13 -28.23
CA VAL C 322 22.09 56.25 -30.34
CA GLN C 323 21.44 55.00 -33.85
CA VAL C 324 22.86 57.53 -36.26
CA LYS C 325 23.09 57.48 -40.02
CA TYR C 326 26.18 58.98 -41.57
CA GLU C 327 25.83 61.26 -44.55
CA GLY C 328 28.71 63.45 -43.40
CA THR C 329 30.66 64.71 -46.35
CA ASP C 330 34.37 65.60 -46.42
CA ALA C 331 35.19 62.07 -45.35
CA PRO C 332 37.30 60.28 -44.21
CA CYS C 333 37.22 62.51 -41.19
CA LYS C 334 37.50 62.83 -37.46
CA ILE C 335 34.09 63.79 -36.18
CA PRO C 336 33.85 66.83 -33.92
CA PHE C 337 31.42 65.04 -31.57
CA SER C 338 30.11 66.22 -28.23
CA SER C 339 28.19 65.03 -25.18
CA GLN C 340 26.71 67.88 -23.19
CA ASP C 341 24.42 68.44 -20.23
CA GLU C 342 20.79 69.42 -20.78
CA LYS C 343 21.42 72.47 -18.59
CA GLY C 344 24.88 72.90 -20.07
CA VAL C 345 27.17 72.54 -17.11
CA ILE C 346 29.54 69.69 -18.04
CA GLN C 347 29.85 67.12 -20.81
CA ASN C 348 27.22 64.89 -19.33
CA GLY C 349 27.35 61.20 -20.09
CA ARG C 350 30.19 59.43 -21.77
CA LEU C 351 30.68 57.18 -24.77
CA ILE C 352 31.27 53.47 -24.74
CA THR C 353 32.05 53.57 -28.50
CA ALA C 354 35.04 55.95 -28.68
CA ASN C 355 37.19 57.28 -31.56
CA PRO C 356 34.41 58.93 -33.64
CA ILE C 357 35.36 58.79 -37.31
CA VAL C 358 33.42 58.81 -40.58
CA THR C 359 34.40 55.93 -42.82
CA ASP C 360 32.17 57.24 -45.59
CA LYS C 361 28.95 59.13 -46.12
CA GLU C 362 26.07 56.71 -46.19
CA LYS C 363 27.12 54.36 -43.51
CA PRO C 364 24.63 53.74 -40.68
CA VAL C 365 26.60 53.72 -37.42
CA ASN C 366 25.32 52.93 -33.97
CA ILE C 367 27.17 54.63 -31.17
CA GLU C 368 26.87 52.99 -27.79
CA ALA C 369 27.01 55.39 -24.89
CA GLU C 370 26.80 55.14 -21.13
CA PRO C 371 24.08 57.63 -20.12
CA PRO C 372 23.98 59.34 -16.71
CA PHE C 373 21.05 59.24 -14.29
CA GLY C 374 18.62 61.85 -15.52
CA GLU C 375 18.94 64.47 -18.26
CA SER C 376 21.66 65.44 -20.74
CA TYR C 377 22.01 67.13 -24.14
CA ILE C 378 23.00 64.73 -26.86
CA VAL C 379 24.79 66.86 -29.40
CA VAL C 380 23.87 65.27 -32.74
CA GLY C 381 25.61 66.65 -35.83
CA ALA C 382 28.12 68.39 -33.57
CA GLY C 383 30.43 68.87 -36.50
CA GLU C 384 29.13 70.47 -38.68
CA LYS C 385 26.60 72.43 -36.52
CA ALA C 386 25.32 71.23 -33.12
CA LEU C 387 21.76 69.99 -32.55
CA LYS C 388 21.44 69.52 -28.74
CA LEU C 389 18.60 67.15 -27.85
CA SER C 390 17.44 66.60 -24.29
CA TRP C 391 17.11 63.00 -23.26
CA PHE C 392 16.26 61.70 -19.82
CA LYS C 393 17.38 58.22 -18.82
CA LYS C 394 15.45 57.06 -15.72
CA GLY C 395 17.08 57.92 -12.39
CA SER C 396 18.31 57.53 -9.74
CA SER C 397 20.10 54.36 -8.59
CA ILE C 398 23.45 53.20 -7.19
CA GLY C 399 22.23 49.60 -6.82
CA LYS C 400 23.93 48.14 -9.89
CA MET C 401 27.52 49.13 -9.01
CA PHE C 402 27.43 47.44 -5.57
CA GLU C 403 25.91 44.27 -7.05
CA ALA C 404 28.73 44.03 -9.59
CA THR C 405 31.32 44.06 -6.78
CA ALA C 406 29.47 41.44 -4.72
CA ARG C 407 29.33 39.15 -7.77
CA GLY C 408 32.82 40.17 -8.91
CA ALA C 409 34.84 39.00 -5.94
CA ARG C 410 33.11 35.62 -6.16
CA ARG C 411 33.74 34.51 -9.77
CA MET C 412 37.22 36.12 -9.86
CA ALA C 413 37.86 33.85 -7.85
CA ILE C 414 40.36 32.96 -5.12
CA LEU C 415 42.82 31.88 -7.85
CA GLY C 416 45.03 32.97 -9.47
CA ASP C 417 47.97 32.74 -11.80
CA THR C 418 51.12 32.72 -9.66
CA ALA C 419 49.65 34.54 -6.67
CA TRP C 420 46.19 36.01 -6.33
CA ASP C 421 47.35 39.57 -5.65
CA PHE C 422 50.05 40.48 -8.15
CA GLY C 423 52.99 42.84 -7.97
CA SER C 424 55.53 41.60 -10.49
CA ILE C 425 52.75 41.37 -13.01
CA GLY C 426 50.55 44.06 -11.43
CA GLY C 427 46.89 44.80 -12.12
CA VAL C 428 45.39 44.76 -8.61
CA PHE C 429 44.55 48.45 -7.88
CA THR C 430 43.23 48.98 -11.43
CA SER C 431 40.53 46.35 -11.56
CA VAL C 432 39.93 46.53 -7.77
CA GLY C 433 40.66 50.21 -8.24
CA LYS C 434 37.88 50.59 -10.80
CA LEU C 435 34.76 49.43 -8.93
CA VAL C 436 35.36 51.39 -5.73
CA HIS C 437 36.33 54.52 -7.73
CA GLN C 438 33.27 54.15 -9.96
CA ILE C 439 30.92 54.27 -6.94
CA PHE C 440 32.63 57.17 -5.13
CA GLY C 441 33.60 59.36 -8.09
CA THR C 442 30.27 60.40 -9.59
CA ALA C 443 28.60 61.35 -6.32
CA TYR C 444 31.45 63.11 -4.56
CA GLY C 445 32.96 64.93 -7.49
CA VAL C 446 30.00 66.39 -9.34
CA LEU C 447 29.28 68.62 -6.35
CA PHE C 448 32.36 69.50 -4.28
CA SER C 449 35.46 71.69 -4.47
CA GLY C 450 37.86 68.87 -5.25
CA VAL C 451 36.30 68.34 -8.64
CA SER C 452 39.62 67.16 -10.07
CA TRP C 453 41.30 63.81 -9.51
CA THR C 454 44.56 65.15 -8.09
CA MET C 455 42.64 67.10 -5.44
CA LYS C 456 40.86 63.85 -4.53
CA ILE C 457 44.16 61.97 -3.90
CA GLY C 458 45.11 64.83 -1.57
CA ILE C 459 41.93 64.64 0.55
CA GLY C 460 41.94 60.81 0.80
CA ILE C 461 45.34 60.28 2.44
CA LEU C 462 44.63 63.17 4.89
CA LEU C 463 41.78 61.18 6.54
CA THR C 464 44.22 58.60 7.93
CA TRP C 465 46.65 61.43 8.84
CA LEU C 466 44.17 62.96 11.35
CA GLY C 467 45.47 60.50 13.94
CA LEU C 468 45.48 58.88 16.47
CA ASN C 469 44.06 56.13 17.16
CA SER C 470 41.85 57.06 20.06
CA ARG C 471 39.81 59.00 17.54
CA SER C 472 38.36 56.63 16.25
CA THR C 473 37.56 52.94 15.67
CA SER C 474 36.88 53.89 12.06
CA LEU C 475 40.36 55.45 11.58
CA SER C 476 42.03 52.06 12.13
CA MET C 477 39.64 50.87 9.37
CA THR C 478 40.16 53.85 6.94
CA CYS C 479 43.65 52.74 5.78
CA ILE C 480 42.04 50.08 3.50
CA ALA C 481 39.21 52.38 2.29
CA VAL C 482 41.55 55.31 1.53
CA GLY C 483 44.10 52.95 -0.04
CA MET C 484 41.93 51.77 -2.91
CA VAL C 485 40.45 54.99 -4.31
CA THR C 486 43.48 57.05 -3.29
CA LEU C 487 46.00 54.67 -4.86
CA TYR C 488 44.00 54.18 -8.05
CA LEU C 489 43.00 57.81 -8.62
CA GLY C 490 46.22 59.64 -7.80
CA VAL C 491 48.54 56.86 -8.95
CA MET C 492 47.00 56.50 -12.42
CA VAL C 493 46.04 60.15 -12.94
CA GLN C 494 49.42 61.26 -11.61
CA ALA C 495 52.01 58.95 -13.15
CA PHE D 1 -30.30 -24.56 -43.22
CA HIS D 2 -30.19 -21.37 -45.27
CA LEU D 3 -26.81 -21.17 -46.86
CA THR D 4 -24.94 -17.93 -46.37
CA THR D 5 -21.32 -17.55 -45.19
CA ARG D 6 -19.85 -16.92 -41.78
CA GLY D 7 -16.20 -16.04 -42.17
CA GLY D 8 -16.35 -17.43 -45.69
CA GLU D 9 -17.10 -20.87 -44.25
CA PRO D 10 -20.57 -22.32 -45.00
CA HIS D 11 -23.26 -21.10 -42.67
CA MET D 12 -26.51 -22.89 -42.19
CA ILE D 13 -29.30 -20.96 -40.50
CA VAL D 14 -31.30 -23.63 -38.70
CA SER D 15 -34.04 -23.60 -36.07
CA LYS D 16 -36.60 -25.86 -34.34
CA GLN D 17 -38.43 -26.28 -37.65
CA GLU D 18 -35.23 -27.57 -39.26
CA ARG D 19 -34.69 -29.91 -36.24
CA GLY D 20 -31.47 -31.74 -36.94
CA LYS D 21 -31.84 -33.20 -40.39
CA SER D 22 -29.07 -34.28 -42.77
CA LEU D 23 -27.71 -30.92 -43.80
CA LEU D 24 -26.02 -31.32 -47.18
CA PHE D 25 -24.24 -28.63 -49.14
CA LYS D 26 -21.62 -28.71 -51.85
CA THR D 27 -18.24 -27.05 -51.54
CA SER D 28 -15.32 -27.21 -54.03
CA ALA D 29 -13.67 -29.96 -51.95
CA GLY D 30 -16.85 -32.06 -52.28
CA VAL D 31 -20.06 -32.60 -50.34
CA ASN D 32 -20.17 -31.81 -46.65
CA MET D 33 -22.94 -33.72 -44.90
CA CYS D 34 -23.32 -32.43 -41.36
CA THR D 35 -25.18 -34.37 -38.73
CA LEU D 36 -26.87 -32.31 -36.07
CA ILE D 37 -28.05 -34.41 -33.17
CA ALA D 38 -28.32 -31.76 -30.47
CA MET D 39 -31.65 -30.32 -29.29
CA ASP D 40 -34.75 -30.64 -31.45
CA LEU D 41 -36.14 -27.48 -29.88
CA GLY D 42 -34.71 -23.93 -29.87
CA GLU D 43 -37.16 -21.65 -31.65
CA LEU D 44 -35.84 -18.85 -33.84
CA CYS D 45 -36.12 -15.46 -32.16
CA GLU D 46 -34.06 -12.25 -31.76
CA ASP D 47 -31.86 -14.19 -29.30
CA THR D 48 -29.74 -16.13 -31.78
CA MET D 49 -26.26 -17.51 -31.22
CA THR D 50 -23.84 -18.25 -34.05
CA TYR D 51 -21.17 -20.89 -33.58
CA LYS D 52 -19.33 -23.76 -35.28
CA CYS D 53 -20.24 -27.42 -35.76
CA PRO D 54 -16.77 -29.04 -36.29
CA ARG D 55 -15.68 -31.62 -38.87
CA ILE D 56 -14.33 -35.16 -38.85
CA THR D 57 -11.43 -34.81 -41.25
CA GLU D 58 -8.78 -36.74 -39.32
CA THR D 59 -10.14 -35.54 -35.95
CA GLU D 60 -12.00 -38.54 -34.60
CA PRO D 61 -15.53 -37.90 -33.25
CA ASP D 62 -16.09 -38.23 -29.53
CA ASP D 63 -18.42 -36.57 -26.99
CA VAL D 64 -19.85 -33.81 -29.20
CA ASP D 65 -23.43 -33.75 -30.53
CA CYS D 66 -22.65 -32.17 -33.92
CA TRP D 67 -20.12 -33.25 -36.50
CA CYS D 68 -19.60 -33.00 -40.24
CA ASN D 69 -18.16 -35.39 -42.78
CA ALA D 70 -16.20 -33.17 -45.18
CA THR D 71 -15.85 -29.50 -44.15
CA GLU D 72 -17.11 -27.81 -41.01
CA THR D 73 -20.08 -25.51 -41.03
CA TRP D 74 -21.25 -22.62 -38.88
CA VAL D 75 -24.77 -22.81 -37.43
CA THR D 76 -27.36 -20.31 -36.19
CA TYR D 77 -30.08 -21.24 -33.76
CA GLY D 78 -32.51 -19.59 -31.38
CA THR D 79 -32.56 -20.24 -27.64
CA CYS D 80 -36.30 -19.55 -27.11
CA SER D 81 -38.28 -20.13 -24.69
CA GLN D 82 -39.04 -16.39 -25.03
CA THR D 83 -35.99 -14.62 -23.66
CA GLY D 84 -35.04 -16.20 -20.35
CA GLU D 85 -35.71 -15.95 -16.63
CA HIS D 86 -33.32 -15.04 -13.80
CA ARG D 87 -29.69 -16.06 -13.38
CA ARG D 88 -29.13 -16.23 -9.64
CA ASP D 89 -30.56 -13.95 -6.94
CA LYS D 90 -32.42 -10.68 -7.43
CA ARG D 91 -31.48 -7.61 -5.37
CA SER D 92 -29.84 -8.23 -2.02
CA VAL D 93 -28.74 -4.93 -0.45
CA ALA D 94 -29.71 -2.17 0.25
CA LEU D 95 -31.30 -1.03 2.87
CA ALA D 96 -29.58 2.41 2.66
CA PRO D 97 -28.66 3.74 5.18
CA HIS D 98 -30.76 2.51 7.54
CA VAL D 99 -33.94 3.64 7.71
CA GLY D 100 -33.42 7.30 8.64
CA LEU D 101 -35.10 9.73 11.09
CA GLY D 102 -37.01 10.95 13.28
CA LEU D 103 -36.47 12.65 15.66
CA GLU D 104 -37.20 14.20 19.07
CA THR D 105 -34.82 13.70 21.99
CA ARG D 106 -33.86 17.30 22.80
CA THR D 107 -34.16 19.65 24.68
CA GLU D 108 -36.07 19.73 27.96
CA THR D 109 -38.41 17.10 29.18
CA TRP D 110 -40.67 19.06 31.54
CA MET D 111 -41.96 17.63 34.82
CA SER D 112 -44.97 18.59 36.90
CA SER D 113 -45.86 18.14 40.54
CA GLU D 114 -49.37 18.13 42.03
CA GLY D 115 -50.92 18.86 45.40
CA ALA D 116 -53.33 16.56 47.19
CA TRP D 117 -55.99 17.51 48.33
CA LYS D 118 -57.49 19.16 45.28
CA GLN D 119 -59.61 21.39 47.43
CA ILE D 120 -56.42 22.26 49.28
CA GLN D 121 -54.48 22.70 46.00
CA LYS D 122 -57.20 24.99 44.68
CA VAL D 123 -57.06 27.11 47.85
CA GLU D 124 -53.26 27.47 47.54
CA THR D 125 -53.46 29.11 44.10
CA TRP D 126 -56.75 30.84 44.96
CA ALA D 127 -55.17 32.61 47.95
CA LEU D 128 -52.78 34.47 45.59
CA GLY D 129 -55.84 35.87 43.75
CA HIS D 130 -57.37 36.60 47.17
CA PRO D 131 -55.78 39.55 49.02
CA GLY D 132 -53.42 41.08 48.46
CA PHE D 133 -50.85 43.84 48.40
CA THR D 134 -51.96 44.74 51.94
CA VAL D 135 -51.13 41.19 53.00
CA ILE D 136 -47.49 41.46 51.72
CA ALA D 137 -46.73 44.45 54.01
CA LEU D 138 -48.24 42.63 57.02
CA PHE D 139 -46.39 39.33 56.34
CA LEU D 140 -43.14 41.23 55.81
CA ALA D 141 -43.41 42.92 59.19
CA HIS D 142 -44.58 39.83 61.11
CA ALA D 143 -41.74 37.67 59.78
CA ILE D 144 -39.14 40.00 61.40
CA GLY D 145 -40.32 39.62 64.97
CA THR D 146 -40.77 35.86 64.53
CA SER D 147 -37.94 33.33 64.52
CA ILE D 148 -36.83 31.55 62.13
CA THR D 149 -34.84 29.22 61.90
CA GLN D 150 -36.84 27.56 63.81
CA LYS D 151 -40.00 28.60 61.91
CA GLY D 152 -42.17 31.70 62.19
CA ILE D 153 -43.34 32.32 58.64
CA ILE D 154 -45.38 29.09 58.34
CA PHE D 155 -47.48 30.03 61.38
CA ILE D 156 -48.01 33.58 60.08
CA LEU D 157 -48.97 32.28 56.65
CA LEU D 158 -51.68 29.96 57.97
CA MET D 159 -53.13 32.60 60.32
CA LEU D 160 -53.58 35.32 57.67
CA VAL D 161 -54.98 32.89 55.05
CA THR D 162 -57.96 31.61 57.10
CA PRO D 163 -59.66 35.12 57.30
CA SER D 164 -58.66 35.96 53.70
CA MET D 165 -60.42 32.83 52.37
CA ALA D 166 -63.36 33.39 54.74
CA PHE E 1 -26.84 -52.74 -25.88
CA HIS E 2 -27.68 -55.22 -23.16
CA LEU E 3 -31.38 -55.13 -22.37
CA THR E 4 -32.34 -55.94 -18.80
CA THR E 5 -35.05 -54.35 -16.60
CA ARG E 6 -34.99 -51.85 -13.77
CA GLY E 7 -38.23 -52.05 -11.87
CA GLY E 8 -40.72 -52.79 -14.59
CA GLU E 9 -39.24 -50.41 -17.14
CA PRO E 10 -36.70 -51.55 -19.76
CA HIS E 11 -33.13 -50.80 -18.85
CA MET E 12 -30.70 -50.56 -21.72
CA ILE E 13 -27.00 -50.71 -20.95
CA VAL E 14 -25.56 -48.45 -23.64
CA SER E 15 -21.89 -48.09 -24.63
CA LYS E 16 -20.40 -45.38 -26.87
CA GLN E 17 -20.90 -47.49 -29.98
CA GLU E 18 -24.65 -47.92 -29.28
CA ARG E 19 -25.24 -44.18 -29.42
CA GLY E 20 -26.67 -42.53 -32.54
CA LYS E 21 -28.46 -45.82 -33.17
CA SER E 22 -31.98 -46.14 -31.90
CA LEU E 23 -32.79 -48.43 -29.01
CA LEU E 24 -35.66 -50.57 -30.19
CA PHE E 25 -37.74 -52.75 -27.99
CA LYS E 26 -41.49 -53.36 -27.87
CA THR E 27 -43.05 -51.91 -24.75
CA SER E 28 -46.54 -51.58 -23.28
CA ALA E 29 -47.15 -48.24 -25.07
CA GLY E 30 -46.13 -49.66 -28.47
CA VAL E 31 -42.85 -50.19 -30.27
CA ASN E 32 -40.36 -47.94 -28.57
CA MET E 33 -37.68 -46.29 -30.65
CA CYS E 34 -35.49 -44.19 -28.38
CA THR E 35 -33.34 -41.45 -29.81
CA LEU E 36 -30.30 -40.47 -27.85
CA ILE E 37 -29.19 -36.95 -28.64
CA ALA E 38 -27.08 -36.70 -25.51
CA MET E 39 -23.80 -37.35 -27.29
CA ASP E 40 -21.62 -36.49 -24.35
CA LEU E 41 -21.89 -39.59 -22.17
CA GLY E 42 -19.82 -42.12 -24.10
CA GLU E 43 -18.43 -45.53 -23.18
CA LEU E 44 -19.18 -47.45 -20.00
CA CYS E 45 -16.60 -46.92 -17.28
CA GLU E 46 -16.69 -46.27 -13.52
CA ASP E 47 -18.12 -42.80 -14.12
CA THR E 48 -21.50 -44.10 -15.21
CA MET E 49 -24.85 -42.48 -14.59
CA THR E 50 -28.14 -44.30 -14.83
CA TYR E 51 -31.29 -42.39 -15.66
CA LYS E 52 -34.54 -42.39 -17.58
CA CYS E 53 -34.93 -41.12 -21.10
CA PRO E 54 -38.65 -40.32 -20.86
CA ARG E 55 -41.38 -40.21 -23.46
CA ILE E 56 -43.04 -37.03 -24.68
CA THR E 57 -44.81 -36.58 -21.37
CA GLU E 58 -47.09 -33.53 -20.99
CA THR E 59 -47.35 -30.48 -23.26
CA GLU E 60 -43.77 -29.53 -24.05
CA PRO E 61 -41.95 -30.87 -20.96
CA ASP E 62 -38.38 -29.85 -20.28
CA ASP E 63 -36.87 -33.07 -19.04
CA VAL E 64 -33.49 -34.32 -20.27
CA ASP E 65 -32.16 -34.06 -23.84
CA CYS E 66 -32.87 -37.76 -24.41
CA TRP E 67 -36.26 -39.07 -25.45
CA CYS E 68 -38.22 -42.18 -26.30
CA ASN E 69 -41.19 -42.89 -28.55
CA ALA E 70 -43.40 -45.21 -26.49
CA THR E 71 -42.59 -45.59 -22.78
CA GLU E 72 -39.95 -44.08 -20.46
CA THR E 73 -36.91 -46.37 -20.47
CA TRP E 74 -33.73 -46.31 -18.48
CA VAL E 75 -30.51 -45.82 -20.40
CA THR E 76 -27.06 -45.99 -18.82
CA TYR E 77 -23.80 -44.68 -20.12
CA GLY E 78 -20.30 -43.98 -18.90
CA THR E 79 -18.64 -40.63 -19.47
CA CYS E 80 -15.39 -42.17 -20.87
CA SER E 81 -13.06 -41.13 -22.72
CA GLN E 82 -10.58 -43.39 -20.90
CA THR E 83 -9.95 -41.72 -17.54
CA GLY E 84 -12.39 -41.62 -14.64
CA GLU E 85 -12.23 -38.36 -12.73
CA HIS E 86 -9.84 -35.39 -12.70
CA ARG E 87 -8.19 -33.96 -9.60
CA ARG E 88 -8.74 -30.26 -9.00
CA ASP E 89 -9.18 -29.07 -5.44
CA LYS E 90 -6.35 -29.93 -3.10
CA ARG E 91 -5.83 -28.99 0.59
CA SER E 92 -2.62 -27.21 1.65
CA VAL E 93 -1.47 -25.77 5.02
CA ALA E 94 -1.50 -25.94 8.09
CA LEU E 95 -0.06 -28.30 9.73
CA ALA E 96 2.56 -25.72 10.88
CA PRO E 97 3.85 -24.38 13.34
CA HIS E 98 5.09 -26.41 16.34
CA VAL E 99 5.89 -26.15 19.33
CA GLY E 100 8.86 -26.03 20.71
CA LEU E 101 11.94 -25.59 22.96
CA GLY E 102 15.55 -26.84 23.30
CA LEU E 103 18.35 -26.78 25.93
CA GLU E 104 22.09 -27.61 26.29
CA THR E 105 24.62 -28.03 29.18
CA ARG E 106 28.36 -28.38 30.02
CA THR E 107 30.96 -25.60 29.67
CA GLU E 108 34.46 -25.36 28.22
CA THR E 109 37.69 -23.37 28.62
CA TRP E 110 38.81 -20.83 25.98
CA MET E 111 42.25 -19.79 24.78
CA SER E 112 43.27 -17.33 22.07
CA SER E 113 46.24 -15.61 20.38
CA GLU E 114 49.13 -17.03 18.33
CA GLY E 115 52.86 -16.85 19.00
CA ALA E 116 55.97 -16.62 19.31
CA TRP E 117 54.60 -15.72 22.74
CA LYS E 118 53.03 -19.18 22.86
CA GLN E 119 56.48 -20.74 22.86
CA ILE E 120 57.64 -18.90 26.00
CA GLN E 121 54.31 -19.62 27.73
CA LYS E 122 54.38 -23.31 26.78
CA VAL E 123 57.95 -24.00 27.92
CA GLU E 124 57.45 -22.33 31.27
CA THR E 125 54.39 -24.45 32.04
CA TRP E 126 55.61 -27.66 30.44
CA ALA E 127 58.68 -27.57 32.69
CA LEU E 128 56.53 -26.95 35.80
CA GLY E 129 54.03 -29.70 35.06
CA HIS E 130 56.80 -32.19 34.49
CA PRO E 131 57.83 -32.85 38.11
CA GLY E 132 59.59 -30.67 39.13
CA PHE E 133 59.05 -32.00 42.67
CA THR E 134 62.26 -30.11 43.57
CA VAL E 135 60.86 -26.86 42.16
CA ILE E 136 57.92 -27.05 44.60
CA ALA E 137 60.31 -27.71 47.52
CA LEU E 138 62.27 -24.55 46.65
CA PHE E 139 59.11 -22.39 46.36
CA LEU E 140 57.60 -23.35 49.76
CA ALA E 141 60.46 -21.81 51.82
CA HIS E 142 60.93 -18.79 49.53
CA ALA E 143 57.21 -17.91 49.63
CA ILE E 144 57.54 -17.62 53.45
CA GLY E 145 60.92 -15.89 53.67
CA THR E 146 60.10 -13.07 51.24
CA SER E 147 62.85 -10.60 50.52
CA ILE E 148 61.21 -9.37 47.90
CA THR E 149 58.26 -8.36 47.91
CA GLN E 150 56.62 -8.88 45.41
CA LYS E 151 57.65 -10.92 42.36
CA GLY E 152 59.92 -13.68 43.64
CA ILE E 153 58.19 -17.03 42.96
CA ILE E 154 57.93 -16.11 39.25
CA PHE E 155 61.63 -15.14 39.19
CA ILE E 156 62.66 -18.48 40.73
CA LEU E 157 60.47 -20.45 38.24
CA LEU E 158 62.01 -18.59 35.26
CA MET E 159 65.50 -19.03 36.74
CA LEU E 160 65.11 -22.84 36.92
CA VAL E 161 63.47 -23.12 33.48
CA THR E 162 66.30 -21.50 31.39
CA PRO E 163 69.20 -23.90 32.57
CA SER E 164 66.97 -26.99 32.47
CA MET E 165 66.09 -26.09 28.87
CA ALA E 166 69.63 -25.06 27.93
CA PHE F 1 8.49 -29.70 -54.70
CA HIS F 2 12.15 -29.95 -53.80
CA LEU F 3 12.94 -33.40 -52.44
CA THR F 4 16.20 -33.30 -50.55
CA THR F 5 17.44 -35.12 -47.44
CA ARG F 6 17.73 -34.06 -43.83
CA GLY F 7 19.83 -36.48 -41.83
CA GLY F 8 20.06 -38.64 -44.95
CA GLU F 9 16.34 -39.29 -44.55
CA PRO F 10 13.98 -37.63 -47.07
CA HIS F 11 13.07 -34.01 -46.47
CA MET F 12 10.17 -32.71 -48.44
CA ILE F 13 9.75 -29.09 -49.23
CA VAL F 14 6.20 -29.56 -50.40
CA SER F 15 4.38 -27.79 -53.21
CA LYS F 16 1.04 -26.03 -52.69
CA GLN F 17 -1.17 -28.70 -54.29
CA GLU F 18 0.27 -31.26 -51.87
CA ARG F 19 -0.50 -29.15 -48.79
CA GLY F 20 -3.58 -30.32 -46.97
CA LYS F 21 -3.35 -33.56 -48.96
CA SER F 22 -1.76 -36.86 -48.04
CA LEU F 23 1.87 -37.16 -49.01
CA LEU F 24 2.31 -40.67 -50.26
CA PHE F 25 5.68 -41.41 -51.72
CA LYS F 26 8.10 -44.21 -52.26
CA THR F 27 11.58 -43.02 -51.26
CA SER F 28 14.93 -44.79 -50.85
CA ALA F 29 14.08 -44.82 -47.11
CA GLY F 30 10.81 -46.64 -47.89
CA VAL F 31 7.12 -45.78 -48.21
CA ASN F 32 6.05 -42.73 -46.26
CA MET F 33 2.33 -42.13 -45.93
CA CYS F 34 2.14 -38.75 -44.23
CA THR F 35 -0.87 -37.17 -42.61
CA LEU F 36 -0.94 -33.41 -42.35
CA ILE F 37 -3.32 -31.99 -39.75
CA ALA F 38 -2.03 -28.54 -40.60
CA MET F 39 -3.21 -25.34 -38.99
CA ASP F 40 -0.19 -23.22 -39.91
CA LEU F 41 0.50 -22.86 -43.63
CA GLY F 42 1.51 -19.75 -45.54
CA GLU F 43 3.52 -18.03 -48.21
CA LEU F 44 7.19 -18.75 -48.65
CA CYS F 45 9.52 -16.26 -46.95
CA GLU F 46 12.48 -16.69 -44.57
CA ASP F 47 10.06 -17.61 -41.76
CA THR F 48 9.71 -21.30 -42.47
CA MET F 49 9.27 -24.01 -39.91
CA THR F 50 11.04 -27.30 -40.39
CA TYR F 51 10.70 -30.45 -38.33
CA LYS F 52 10.76 -34.25 -38.50
CA CYS F 53 7.53 -36.19 -38.92
CA PRO F 54 7.97 -39.61 -37.11
CA ARG F 55 7.03 -43.29 -37.86
CA ILE F 56 3.90 -45.38 -37.24
CA THR F 57 3.71 -47.64 -34.23
CA GLU F 58 0.25 -46.92 -32.87
CA THR F 59 -2.24 -44.28 -34.17
CA GLU F 60 -1.85 -41.03 -36.14
CA PRO F 61 -2.09 -37.94 -33.87
CA ASP F 62 -3.95 -34.69 -34.59
CA ASP F 63 -1.90 -32.67 -32.07
CA VAL F 64 1.17 -32.75 -34.28
CA ASP F 65 0.52 -31.09 -37.63
CA CYS F 66 2.64 -33.63 -39.52
CA TRP F 67 3.32 -37.27 -38.94
CA CYS F 68 4.37 -40.08 -41.26
CA ASN F 69 3.76 -43.78 -41.28
CA ALA F 70 6.85 -45.97 -41.02
CA THR F 71 9.26 -43.92 -43.14
CA GLU F 72 9.94 -40.67 -41.33
CA THR F 73 10.27 -37.54 -43.44
CA TRP F 74 11.18 -33.97 -42.60
CA VAL F 75 8.76 -31.23 -43.72
CA THR F 76 9.05 -27.51 -44.56
CA TYR F 77 6.36 -24.90 -45.28
CA GLY F 78 6.28 -21.12 -44.80
CA THR F 79 4.22 -19.07 -42.36
CA CYS F 80 4.55 -15.64 -44.11
CA SER F 81 3.36 -12.86 -43.62
CA GLN F 82 1.82 -11.26 -40.48
CA THR F 83 2.72 -11.77 -36.81
CA GLY F 84 1.08 -12.28 -33.40
CA GLU F 85 3.46 -10.57 -30.98
CA HIS F 86 2.99 -9.50 -27.39
CA ARG F 87 4.66 -7.35 -24.75
CA ARG F 88 5.78 -8.04 -21.19
CA ASP F 89 8.27 -5.21 -20.54
CA LYS F 90 8.67 -3.83 -17.03
CA ARG F 91 11.34 -1.10 -17.05
CA SER F 92 11.74 2.53 -15.91
CA VAL F 93 15.27 3.19 -17.18
CA ALA F 94 15.54 6.19 -17.15
CA LEU F 95 13.77 8.24 -15.64
CA ALA F 96 16.55 8.58 -13.10
CA PRO F 97 15.78 11.59 -12.90
CA HIS F 98 17.96 13.87 -10.63
CA VAL F 99 16.93 17.06 -8.79
CA GLY F 100 18.91 20.14 -7.68
CA LEU F 101 19.50 22.86 -5.08
CA GLY F 102 19.76 26.64 -5.40
CA LEU F 103 18.98 29.50 -5.64
CA GLU F 104 20.40 32.32 -5.13
CA THR F 105 19.47 34.94 -3.98
CA ARG F 106 17.11 37.54 -5.51
CA THR F 107 18.19 40.33 -7.87
CA GLU F 108 17.33 44.01 -7.49
CA THR F 109 19.24 47.27 -7.96
CA TRP F 110 17.92 50.35 -6.09
CA MET F 111 14.90 52.51 -5.18
CA SER F 112 14.33 56.28 -5.68
CA SER F 113 11.80 56.70 -8.51
CA GLU F 114 8.13 57.59 -8.04
CA GLY F 115 5.44 57.07 -5.44
CA ALA F 116 4.82 60.16 -3.28
CA TRP F 117 7.90 60.20 -1.00
CA LYS F 118 10.05 58.39 -3.58
CA GLN F 119 9.18 61.13 -6.00
CA ILE F 120 10.50 63.71 -3.57
CA GLN F 121 13.53 61.42 -3.16
CA LYS F 122 14.24 61.47 -6.94
CA VAL F 123 14.11 65.30 -7.10
CA GLU F 124 16.23 65.37 -3.91
CA THR F 125 18.93 63.12 -5.39
CA TRP F 126 19.04 65.19 -8.57
CA ALA F 127 19.54 68.11 -6.11
CA LEU F 128 22.09 66.21 -4.00
CA GLY F 129 24.31 65.58 -7.01
CA HIS F 130 23.93 69.26 -7.85
CA PRO F 131 24.34 71.25 -4.48
CA GLY F 132 26.80 70.95 -2.90
CA PHE F 133 30.10 70.82 -1.07
CA THR F 134 28.81 73.65 1.10
CA VAL F 135 25.69 71.50 1.74
CA ILE F 136 27.91 68.63 2.93
CA ALA F 137 29.90 70.96 5.27
CA LEU F 138 26.66 72.13 6.93
CA PHE F 139 25.27 68.56 7.23
CA LEU F 140 28.46 67.21 8.91
CA ALA F 141 28.23 69.60 11.83
CA HIS F 142 24.50 69.15 12.31
CA ALA F 143 24.53 65.34 12.14
CA ILE F 144 26.19 64.76 15.54
CA GLY F 145 27.23 68.24 16.67
CA THR F 146 25.29 71.24 17.89
CA SER F 147 22.40 72.37 15.75
CA ILE F 148 20.44 71.97 18.16
CA THR F 149 19.81 68.89 17.85
CA GLN F 150 20.61 66.23 16.50
CA LYS F 151 19.33 64.16 13.56
CA GLY F 152 16.15 65.98 12.61
CA ILE F 153 17.93 69.01 11.24
CA ILE F 154 19.96 67.01 8.67
CA PHE F 155 16.80 65.59 7.12
CA ILE F 156 15.32 69.12 7.17
CA LEU F 157 18.43 70.53 5.43
CA LEU F 158 18.04 68.05 2.55
CA MET F 159 14.29 68.73 2.50
CA LEU F 160 14.87 72.55 2.19
CA VAL F 161 17.26 72.10 -0.75
CA THR F 162 14.57 70.31 -2.80
CA PRO F 163 11.94 73.27 -2.91
CA SER F 164 14.76 75.79 -3.41
CA MET F 165 15.80 73.77 -6.51
CA ALA F 166 12.12 73.40 -7.48
#